data_5D29
#
_entry.id   5D29
#
_cell.length_a   100.191
_cell.length_b   130.459
_cell.length_c   157.196
_cell.angle_alpha   90.000
_cell.angle_beta   90.000
_cell.angle_gamma   90.000
#
_symmetry.space_group_name_H-M   'I 2 2 2'
#
loop_
_entity.id
_entity.type
_entity.pdbx_description
1 polymer 'Glutamate carboxypeptidase 2'
2 branched 2-acetamido-2-deoxy-beta-D-glucopyranose-(1-4)-2-acetamido-2-deoxy-beta-D-glucopyranose
3 branched beta-D-mannopyranose-(1-3)-beta-D-mannopyranose-(1-4)-2-acetamido-2-deoxy-beta-D-glucopyranose-(1-4)-2-acetamido-2-deoxy-beta-D-glucopyranose
4 non-polymer 2-acetamido-2-deoxy-beta-D-glucopyranose
5 non-polymer 'ZINC ION'
6 non-polymer 'CALCIUM ION'
7 non-polymer 'CHLORIDE ION'
8 non-polymer 'ACETATE ION'
9 non-polymer '4-[(2~{S})-2-carboxy-5-(oxidanylamino)-5-oxidanylidene-pentyl]benzoic acid'
10 water water
#
_entity_poly.entity_id   1
_entity_poly.type   'polypeptide(L)'
_entity_poly.pdbx_seq_one_letter_code
;HNMKAFLDELKAENIKKFLYNFTQIPHLAGTEQNFQLAKQIQSQWKEFGLDSVELAHYDVLLSYPNKTHPNYISIINEDG
NEIFNTSLFEPPPPGYENVSDIVPPFSAFSPQGMPEGDLVYVNYARTEDFFKLERDMKINCSGKIVIARYGKVFRGNKVK
NAQLAGAKGVILYSDPADYFAPGVKSYPDGWNLPGGGVQRGNILNLNGAGDPLTPGYPANEYAYRRGIAEAVGLPSIPVH
PIGYYDAQKLLEKMGGSAPPDSSWRGSLKVPYNVGPGFTGNFSTQKVKMHIHSTNEVTRIYNVIGTLRGAVEPDRYVILG
GHRDSWVFGGIDPQSGAAVVHEIVRSFGTLKKEGWRPRRTILFASWDAEEFGLLGSTEWAEENSRLLQERGVAYINADSS
IEGNYTLRVDCTPLMYSLVHNLTKELKSPDEGFEGKSLYESWTKKSPSPEFSGMPRISKLGSGNDFEVFFQRLGIASGRA
RYTKNWETNKFSGYPLYHSVYETYELVEKFYDPMFKYHLTVAQVRGGMVFELANSIVLPFDCRDYAVVLRKYADKIYSIS
MKHPQEMKTYSVSFDSLFSAVKNFTEIASKFSERLQDFDKSNPIVLRMMNDQLMFLERAFIDPLGLPDRPFYRHVIYAPS
SHNKYAGESFPGIYDALFDIESKVDPSKAWGEVKRQIYVAAFTVQAAAETLSEVA
;
_entity_poly.pdbx_strand_id   A
#
loop_
_chem_comp.id
_chem_comp.type
_chem_comp.name
_chem_comp.formula
5Q1 non-polymer '4-[(2~{S})-2-carboxy-5-(oxidanylamino)-5-oxidanylidene-pentyl]benzoic acid' 'C13 H15 N O6'
ACT non-polymer 'ACETATE ION' 'C2 H3 O2 -1'
BMA D-saccharide, beta linking beta-D-mannopyranose 'C6 H12 O6'
CA non-polymer 'CALCIUM ION' 'Ca 2'
CL non-polymer 'CHLORIDE ION' 'Cl -1'
NAG D-saccharide, beta linking 2-acetamido-2-deoxy-beta-D-glucopyranose 'C8 H15 N O6'
ZN non-polymer 'ZINC ION' 'Zn 2'
#
# COMPACT_ATOMS: atom_id res chain seq x y z
N HIS A 1 -25.05 25.66 0.16
CA HIS A 1 -23.89 24.80 -0.30
C HIS A 1 -22.92 24.53 0.84
N ASN A 2 -23.05 23.34 1.42
CA ASN A 2 -22.25 22.93 2.55
C ASN A 2 -21.93 21.46 2.44
N MET A 3 -21.35 20.90 3.49
CA MET A 3 -20.93 19.50 3.39
C MET A 3 -22.12 18.56 3.21
N LYS A 4 -23.20 18.81 3.95
CA LYS A 4 -24.42 18.00 3.78
C LYS A 4 -24.90 17.95 2.33
N ALA A 5 -24.84 19.09 1.63
CA ALA A 5 -25.25 19.14 0.24
C ALA A 5 -24.37 18.24 -0.61
N PHE A 6 -23.05 18.34 -0.39
CA PHE A 6 -22.12 17.47 -1.10
C PHE A 6 -22.43 15.99 -0.84
N LEU A 7 -22.54 15.64 0.43
CA LEU A 7 -22.75 14.27 0.82
C LEU A 7 -24.13 13.73 0.27
N ASP A 8 -25.17 14.54 0.31
CA ASP A 8 -26.51 14.07 -0.18
C ASP A 8 -26.55 13.82 -1.68
N GLU A 9 -25.68 14.47 -2.44
CA GLU A 9 -25.65 14.33 -3.88
C GLU A 9 -25.07 12.99 -4.29
N LEU A 10 -24.19 12.41 -3.45
CA LEU A 10 -23.62 11.06 -3.73
C LEU A 10 -24.73 9.99 -3.72
N LYS A 11 -24.72 9.11 -4.72
CA LYS A 11 -25.72 8.07 -4.91
C LYS A 11 -25.06 6.70 -5.10
N ALA A 12 -25.48 5.73 -4.29
CA ALA A 12 -25.10 4.33 -4.43
C ALA A 12 -25.31 3.81 -5.86
N GLU A 13 -26.46 4.13 -6.44
CA GLU A 13 -26.77 3.68 -7.80
C GLU A 13 -25.76 4.18 -8.85
N ASN A 14 -25.26 5.40 -8.68
CA ASN A 14 -24.24 5.90 -9.58
C ASN A 14 -22.93 5.15 -9.40
N ILE A 15 -22.52 4.88 -8.16
CA ILE A 15 -21.28 4.11 -7.94
C ILE A 15 -21.39 2.76 -8.66
N LYS A 16 -22.54 2.11 -8.53
CA LYS A 16 -22.76 0.82 -9.13
C LYS A 16 -22.62 0.88 -10.66
N LYS A 17 -23.27 1.85 -11.28
CA LYS A 17 -23.16 2.12 -12.73
C LYS A 17 -21.72 2.31 -13.21
N PHE A 18 -20.96 3.10 -12.45
CA PHE A 18 -19.57 3.39 -12.84
C PHE A 18 -18.73 2.14 -12.66
N LEU A 19 -19.00 1.37 -11.61
CA LEU A 19 -18.19 0.16 -11.36
C LEU A 19 -18.39 -0.80 -12.50
N TYR A 20 -19.66 -0.96 -12.91
CA TYR A 20 -19.95 -1.83 -14.02
C TYR A 20 -19.23 -1.36 -15.29
N ASN A 21 -19.27 -0.06 -15.53
CA ASN A 21 -18.64 0.53 -16.72
C ASN A 21 -17.10 0.32 -16.76
N PHE A 22 -16.50 0.29 -15.57
CA PHE A 22 -15.05 0.25 -15.42
C PHE A 22 -14.46 -1.17 -15.43
N THR A 23 -15.30 -2.23 -15.45
CA THR A 23 -14.81 -3.55 -15.16
C THR A 23 -15.22 -4.58 -16.25
N GLN A 24 -15.58 -4.12 -17.44
CA GLN A 24 -16.04 -5.10 -18.47
C GLN A 24 -14.88 -5.64 -19.29
N ILE A 25 -13.79 -4.88 -19.38
CA ILE A 25 -12.60 -5.37 -20.10
C ILE A 25 -11.37 -5.11 -19.21
N PRO A 26 -10.24 -5.81 -19.46
CA PRO A 26 -9.11 -5.60 -18.53
C PRO A 26 -8.52 -4.21 -18.78
N HIS A 27 -7.96 -3.58 -17.75
CA HIS A 27 -7.27 -2.26 -17.93
C HIS A 27 -5.83 -2.31 -17.40
N LEU A 28 -5.05 -3.25 -17.94
CA LEU A 28 -3.70 -3.45 -17.51
C LEU A 28 -2.85 -2.22 -17.89
N ALA A 29 -1.97 -1.79 -16.98
CA ALA A 29 -1.15 -0.59 -17.32
C ALA A 29 -0.40 -0.80 -18.63
N GLY A 30 -0.28 0.26 -19.42
CA GLY A 30 0.51 0.22 -20.66
C GLY A 30 -0.27 -0.31 -21.84
N THR A 31 -1.50 -0.76 -21.64
CA THR A 31 -2.34 -1.27 -22.75
C THR A 31 -3.31 -0.23 -23.34
N GLU A 32 -3.71 -0.51 -24.58
N GLU A 32 -3.73 -0.44 -24.59
CA GLU A 32 -4.69 0.26 -25.33
CA GLU A 32 -4.65 0.50 -25.23
C GLU A 32 -5.95 0.53 -24.50
C GLU A 32 -5.99 0.58 -24.48
N GLN A 33 -6.49 -0.54 -23.91
CA GLN A 33 -7.73 -0.48 -23.13
C GLN A 33 -7.66 0.53 -21.96
N ASN A 34 -6.51 0.58 -21.30
N ASN A 34 -6.50 0.55 -21.32
CA ASN A 34 -6.35 1.50 -20.18
CA ASN A 34 -6.24 1.43 -20.20
C ASN A 34 -6.14 2.95 -20.60
C ASN A 34 -6.16 2.90 -20.62
N PHE A 35 -5.50 3.18 -21.75
CA PHE A 35 -5.47 4.50 -22.36
C PHE A 35 -6.88 4.96 -22.74
N GLN A 36 -7.68 4.05 -23.32
CA GLN A 36 -9.03 4.41 -23.65
C GLN A 36 -9.86 4.78 -22.42
N LEU A 37 -9.71 4.01 -21.33
CA LEU A 37 -10.45 4.36 -20.11
C LEU A 37 -10.00 5.73 -19.57
N ALA A 38 -8.69 6.01 -19.66
CA ALA A 38 -8.16 7.31 -19.22
C ALA A 38 -8.81 8.42 -20.01
N LYS A 39 -8.94 8.23 -21.32
CA LYS A 39 -9.58 9.26 -22.16
C LYS A 39 -11.04 9.50 -21.78
N GLN A 40 -11.74 8.39 -21.44
CA GLN A 40 -13.13 8.43 -21.03
C GLN A 40 -13.25 9.21 -19.72
N ILE A 41 -12.36 8.90 -18.78
CA ILE A 41 -12.40 9.56 -17.49
C ILE A 41 -12.14 11.03 -17.65
N GLN A 42 -11.16 11.40 -18.47
CA GLN A 42 -10.88 12.79 -18.67
C GLN A 42 -12.12 13.52 -19.23
N SER A 43 -12.75 12.93 -20.23
N SER A 43 -12.75 12.94 -20.25
CA SER A 43 -13.97 13.51 -20.86
CA SER A 43 -13.98 13.51 -20.85
C SER A 43 -15.12 13.70 -19.87
C SER A 43 -15.08 13.73 -19.82
N GLN A 44 -15.37 12.68 -19.07
CA GLN A 44 -16.42 12.74 -18.09
C GLN A 44 -16.13 13.71 -16.98
N TRP A 45 -14.92 13.71 -16.40
CA TRP A 45 -14.60 14.72 -15.41
C TRP A 45 -14.79 16.15 -15.94
N LYS A 46 -14.49 16.41 -17.22
CA LYS A 46 -14.76 17.74 -17.80
C LYS A 46 -16.29 17.99 -17.80
N GLU A 47 -17.03 16.99 -18.24
CA GLU A 47 -18.51 17.07 -18.35
C GLU A 47 -19.08 17.27 -16.93
N PHE A 48 -18.52 16.56 -15.94
CA PHE A 48 -18.92 16.74 -14.52
C PHE A 48 -18.75 18.14 -13.96
N GLY A 49 -17.87 18.93 -14.58
CA GLY A 49 -17.69 20.35 -14.27
C GLY A 49 -16.32 20.79 -13.75
N LEU A 50 -15.31 19.90 -13.72
CA LEU A 50 -13.96 20.39 -13.28
C LEU A 50 -13.45 21.50 -14.17
N ASP A 51 -12.58 22.35 -13.64
CA ASP A 51 -12.05 23.49 -14.39
C ASP A 51 -11.10 23.06 -15.50
N SER A 52 -10.23 22.10 -15.20
CA SER A 52 -9.39 21.55 -16.23
C SER A 52 -9.11 20.09 -15.92
N VAL A 53 -8.89 19.33 -16.97
CA VAL A 53 -8.61 17.90 -16.82
C VAL A 53 -7.57 17.53 -17.91
N GLU A 54 -6.39 17.11 -17.46
CA GLU A 54 -5.30 16.79 -18.37
C GLU A 54 -4.83 15.35 -18.19
N LEU A 55 -4.26 14.76 -19.23
CA LEU A 55 -3.48 13.54 -19.08
C LEU A 55 -2.01 13.90 -18.83
N ALA A 56 -1.40 13.26 -17.84
CA ALA A 56 0.01 13.41 -17.62
C ALA A 56 0.60 12.03 -17.90
N HIS A 57 1.42 11.94 -18.94
CA HIS A 57 1.99 10.64 -19.35
C HIS A 57 3.49 10.56 -19.07
N TYR A 58 4.01 9.33 -18.94
CA TYR A 58 5.43 9.11 -18.62
C TYR A 58 5.76 7.80 -19.33
N ASP A 59 7.03 7.60 -19.59
CA ASP A 59 7.49 6.34 -20.25
C ASP A 59 8.34 5.61 -19.22
N VAL A 60 7.76 4.55 -18.65
CA VAL A 60 8.31 3.85 -17.47
C VAL A 60 8.58 2.38 -17.82
N LEU A 61 9.41 1.76 -16.98
CA LEU A 61 9.63 0.32 -17.15
C LEU A 61 8.43 -0.51 -16.62
N LEU A 62 7.84 -1.35 -17.52
CA LEU A 62 6.76 -2.28 -17.16
C LEU A 62 7.25 -3.67 -17.54
N SER A 63 6.41 -4.68 -17.36
CA SER A 63 6.90 -6.05 -17.53
C SER A 63 5.70 -6.87 -17.96
N TYR A 64 5.89 -7.74 -18.95
CA TYR A 64 4.77 -8.53 -19.42
C TYR A 64 5.27 -9.93 -19.80
N PRO A 65 4.42 -10.94 -19.64
CA PRO A 65 4.77 -12.26 -20.18
C PRO A 65 4.94 -12.24 -21.70
N ASN A 66 5.66 -13.24 -22.21
CA ASN A 66 5.84 -13.36 -23.64
C ASN A 66 4.64 -14.17 -24.15
N LYS A 67 3.87 -13.56 -25.04
CA LYS A 67 2.64 -14.13 -25.59
C LYS A 67 2.83 -15.50 -26.28
N THR A 68 3.95 -15.65 -26.97
CA THR A 68 4.25 -16.86 -27.73
C THR A 68 5.21 -17.81 -27.00
N HIS A 69 5.60 -17.49 -25.78
CA HIS A 69 6.53 -18.31 -25.04
C HIS A 69 6.13 -18.31 -23.54
N PRO A 70 5.03 -19.02 -23.19
CA PRO A 70 4.45 -18.87 -21.84
C PRO A 70 5.36 -19.29 -20.68
N ASN A 71 5.10 -18.69 -19.51
CA ASN A 71 5.78 -19.00 -18.25
C ASN A 71 5.11 -20.22 -17.64
N TYR A 72 5.92 -21.13 -17.08
CA TYR A 72 5.39 -22.29 -16.35
C TYR A 72 6.46 -22.97 -15.50
N ILE A 73 6.04 -23.86 -14.60
CA ILE A 73 6.96 -24.59 -13.76
C ILE A 73 6.70 -26.08 -14.05
N SER A 74 7.77 -26.88 -13.95
CA SER A 74 7.73 -28.36 -14.15
C SER A 74 8.34 -29.10 -13.00
N ILE A 75 7.89 -30.34 -12.81
CA ILE A 75 8.73 -31.33 -12.13
C ILE A 75 9.36 -32.10 -13.30
N ILE A 76 10.68 -32.19 -13.30
CA ILE A 76 11.38 -32.91 -14.34
C ILE A 76 12.00 -34.15 -13.68
N ASN A 77 11.99 -35.28 -14.38
CA ASN A 77 12.63 -36.52 -13.89
C ASN A 77 14.10 -36.51 -14.28
N GLU A 78 14.85 -37.53 -13.89
CA GLU A 78 16.28 -37.54 -14.20
C GLU A 78 16.55 -37.73 -15.70
N ASP A 79 15.59 -38.32 -16.40
CA ASP A 79 15.63 -38.52 -17.85
C ASP A 79 15.59 -37.20 -18.59
N GLY A 80 15.11 -36.15 -17.91
CA GLY A 80 14.90 -34.83 -18.51
C GLY A 80 13.46 -34.53 -18.92
N ASN A 81 12.55 -35.45 -18.64
CA ASN A 81 11.16 -35.29 -19.05
C ASN A 81 10.39 -34.42 -18.10
N GLU A 82 9.57 -33.53 -18.65
CA GLU A 82 8.68 -32.71 -17.82
C GLU A 82 7.41 -33.48 -17.53
N ILE A 83 7.37 -34.01 -16.30
CA ILE A 83 6.34 -34.96 -15.90
C ILE A 83 5.13 -34.30 -15.27
N PHE A 84 5.28 -33.04 -14.84
CA PHE A 84 4.12 -32.29 -14.40
C PHE A 84 4.36 -30.82 -14.75
N ASN A 85 3.35 -30.15 -15.30
CA ASN A 85 3.43 -28.73 -15.70
C ASN A 85 2.34 -27.87 -15.03
N THR A 86 2.71 -26.71 -14.46
CA THR A 86 1.68 -25.79 -13.90
C THR A 86 0.81 -25.19 -15.02
N SER A 87 -0.35 -24.67 -14.66
N SER A 87 -0.34 -24.64 -14.63
CA SER A 87 -1.33 -24.18 -15.65
CA SER A 87 -1.29 -24.06 -15.57
C SER A 87 -0.96 -22.85 -16.27
C SER A 87 -0.68 -22.93 -16.38
N LEU A 88 -1.26 -22.67 -17.55
CA LEU A 88 -0.81 -21.49 -18.32
C LEU A 88 -1.79 -20.29 -18.20
N PHE A 89 -2.95 -20.50 -17.57
CA PHE A 89 -3.94 -19.43 -17.39
C PHE A 89 -4.91 -19.87 -16.33
N GLU A 90 -5.62 -18.90 -15.73
CA GLU A 90 -6.73 -19.21 -14.86
C GLU A 90 -7.95 -19.45 -15.72
N PRO A 91 -8.77 -20.47 -15.38
CA PRO A 91 -10.05 -20.59 -16.12
C PRO A 91 -10.89 -19.31 -16.04
N PRO A 92 -11.17 -18.68 -17.19
CA PRO A 92 -11.82 -17.38 -17.07
C PRO A 92 -13.22 -17.49 -16.50
N PRO A 93 -13.70 -16.42 -15.83
CA PRO A 93 -15.01 -16.46 -15.19
C PRO A 93 -16.20 -16.54 -16.17
N PRO A 94 -17.37 -17.03 -15.68
CA PRO A 94 -18.53 -17.22 -16.56
C PRO A 94 -18.92 -15.97 -17.32
N GLY A 95 -19.07 -16.10 -18.63
CA GLY A 95 -19.44 -14.98 -19.47
C GLY A 95 -18.24 -14.14 -19.97
N TYR A 96 -17.03 -14.44 -19.47
CA TYR A 96 -15.81 -13.70 -19.82
C TYR A 96 -14.80 -14.59 -20.52
N GLU A 97 -15.18 -15.82 -20.86
CA GLU A 97 -14.26 -16.73 -21.51
C GLU A 97 -13.83 -16.26 -22.93
N ASN A 98 -14.56 -15.31 -23.53
CA ASN A 98 -14.16 -14.73 -24.83
C ASN A 98 -13.45 -13.36 -24.73
N VAL A 99 -13.42 -12.73 -23.57
CA VAL A 99 -12.64 -11.51 -23.42
C VAL A 99 -11.17 -11.72 -23.86
N SER A 100 -10.68 -10.85 -24.72
CA SER A 100 -9.29 -10.91 -25.19
C SER A 100 -8.30 -10.20 -24.23
N ASP A 101 -7.06 -10.68 -24.21
CA ASP A 101 -6.01 -9.93 -23.59
C ASP A 101 -6.07 -10.06 -22.07
N ILE A 102 -6.62 -11.14 -21.53
CA ILE A 102 -6.41 -11.39 -20.10
C ILE A 102 -4.96 -11.80 -19.91
N VAL A 103 -4.18 -11.02 -19.16
CA VAL A 103 -2.79 -11.37 -18.94
C VAL A 103 -2.70 -12.60 -18.03
N PRO A 104 -1.96 -13.66 -18.45
CA PRO A 104 -1.87 -14.83 -17.54
C PRO A 104 -1.12 -14.48 -16.24
N PRO A 105 -1.27 -15.30 -15.20
CA PRO A 105 -0.57 -15.02 -13.95
C PRO A 105 0.95 -14.99 -14.17
N PHE A 106 1.60 -13.99 -13.61
CA PHE A 106 3.07 -13.87 -13.69
C PHE A 106 3.47 -12.92 -12.57
N SER A 107 4.76 -12.93 -12.23
CA SER A 107 5.29 -12.01 -11.23
C SER A 107 6.00 -10.90 -12.01
N ALA A 108 5.41 -9.70 -12.01
CA ALA A 108 5.96 -8.60 -12.81
C ALA A 108 7.35 -8.27 -12.33
N PHE A 109 8.23 -8.09 -13.32
CA PHE A 109 9.67 -7.70 -13.21
C PHE A 109 10.60 -8.90 -12.93
N SER A 110 10.02 -10.09 -12.85
CA SER A 110 10.90 -11.29 -12.82
C SER A 110 11.93 -11.22 -13.95
N PRO A 111 13.20 -11.50 -13.66
CA PRO A 111 14.07 -11.79 -14.82
C PRO A 111 13.74 -13.11 -15.53
N GLN A 112 14.27 -13.29 -16.74
CA GLN A 112 14.13 -14.52 -17.51
C GLN A 112 15.06 -15.58 -16.98
N GLY A 113 14.71 -16.85 -17.15
CA GLY A 113 15.60 -17.92 -16.73
C GLY A 113 14.91 -19.27 -16.76
N MET A 114 15.72 -20.34 -16.78
CA MET A 114 15.14 -21.66 -16.64
C MET A 114 15.88 -22.48 -15.57
N PRO A 115 15.97 -21.94 -14.32
CA PRO A 115 16.71 -22.68 -13.28
C PRO A 115 16.05 -24.02 -12.92
N GLU A 116 16.90 -25.01 -12.56
CA GLU A 116 16.48 -26.35 -12.06
C GLU A 116 17.11 -26.63 -10.71
N GLY A 117 16.38 -27.25 -9.79
CA GLY A 117 16.95 -27.52 -8.47
C GLY A 117 16.02 -28.22 -7.52
N ASP A 118 16.49 -28.35 -6.29
CA ASP A 118 15.68 -28.89 -5.21
C ASP A 118 14.87 -27.79 -4.52
N LEU A 119 13.64 -28.11 -4.21
CA LEU A 119 12.71 -27.20 -3.55
C LEU A 119 13.03 -27.11 -2.04
N VAL A 120 12.95 -25.89 -1.46
CA VAL A 120 12.88 -25.72 -0.01
C VAL A 120 11.61 -24.91 0.31
N TYR A 121 10.87 -25.33 1.35
CA TYR A 121 9.60 -24.67 1.67
C TYR A 121 9.95 -23.70 2.75
N VAL A 122 9.63 -22.42 2.53
CA VAL A 122 10.11 -21.36 3.43
C VAL A 122 8.99 -20.66 4.16
N ASN A 123 7.86 -21.36 4.30
CA ASN A 123 6.68 -20.78 4.93
C ASN A 123 6.31 -19.46 4.19
N TYR A 124 6.15 -18.34 4.93
CA TYR A 124 5.77 -17.05 4.31
C TYR A 124 6.97 -16.28 3.77
N ALA A 125 8.15 -16.90 3.84
CA ALA A 125 9.40 -16.26 3.44
C ALA A 125 9.64 -14.90 4.17
N ARG A 126 9.14 -14.79 5.40
CA ARG A 126 9.41 -13.61 6.23
C ARG A 126 10.82 -13.67 6.77
N THR A 127 11.33 -12.51 7.22
CA THR A 127 12.65 -12.46 7.85
C THR A 127 12.76 -13.56 8.93
N GLU A 128 11.78 -13.64 9.83
CA GLU A 128 11.78 -14.66 10.90
C GLU A 128 11.74 -16.09 10.38
N ASP A 129 11.08 -16.31 9.23
CA ASP A 129 11.06 -17.66 8.61
C ASP A 129 12.44 -18.12 8.15
N PHE A 130 13.19 -17.22 7.52
CA PHE A 130 14.54 -17.50 7.06
C PHE A 130 15.53 -17.67 8.24
N PHE A 131 15.33 -16.88 9.30
CA PHE A 131 16.10 -17.00 10.57
C PHE A 131 15.92 -18.41 11.17
N LYS A 132 14.66 -18.85 11.24
CA LYS A 132 14.28 -20.18 11.72
C LYS A 132 14.89 -21.31 10.87
N LEU A 133 14.76 -21.23 9.55
CA LEU A 133 15.40 -22.17 8.65
C LEU A 133 16.90 -22.30 8.83
N GLU A 134 17.57 -21.15 8.82
CA GLU A 134 19.02 -21.11 8.69
C GLU A 134 19.75 -21.23 10.02
N ARG A 135 19.27 -20.48 11.02
CA ARG A 135 19.91 -20.41 12.34
C ARG A 135 19.48 -21.57 13.25
N ASP A 136 18.20 -21.96 13.19
CA ASP A 136 17.66 -22.99 14.09
C ASP A 136 17.62 -24.38 13.47
N MET A 137 17.23 -24.47 12.20
CA MET A 137 17.09 -25.78 11.54
C MET A 137 18.35 -26.15 10.78
N LYS A 138 19.24 -25.17 10.61
CA LYS A 138 20.48 -25.34 9.85
C LYS A 138 20.23 -25.78 8.41
N ILE A 139 19.20 -25.23 7.78
CA ILE A 139 18.88 -25.57 6.39
C ILE A 139 19.38 -24.45 5.51
N ASN A 140 20.17 -24.81 4.50
CA ASN A 140 20.88 -23.88 3.63
C ASN A 140 20.13 -23.69 2.31
N CYS A 141 19.63 -22.47 2.05
CA CYS A 141 18.87 -22.20 0.82
C CYS A 141 19.72 -21.94 -0.43
N SER A 142 21.03 -21.76 -0.26
CA SER A 142 21.89 -21.41 -1.39
C SER A 142 21.82 -22.45 -2.53
N GLY A 143 21.54 -21.96 -3.74
CA GLY A 143 21.34 -22.80 -4.93
C GLY A 143 20.03 -23.61 -5.00
N LYS A 144 19.13 -23.42 -4.04
N LYS A 144 19.14 -23.43 -4.02
CA LYS A 144 17.83 -24.12 -4.03
CA LYS A 144 17.82 -24.07 -4.03
C LYS A 144 16.69 -23.21 -4.54
C LYS A 144 16.78 -23.22 -4.78
N ILE A 145 15.61 -23.81 -5.05
CA ILE A 145 14.41 -23.05 -5.46
C ILE A 145 13.52 -22.99 -4.22
N VAL A 146 13.15 -21.80 -3.78
CA VAL A 146 12.27 -21.78 -2.63
C VAL A 146 10.82 -21.66 -3.05
N ILE A 147 9.96 -22.34 -2.30
CA ILE A 147 8.53 -22.21 -2.50
C ILE A 147 7.98 -21.59 -1.26
N ALA A 148 7.21 -20.52 -1.47
CA ALA A 148 6.70 -19.77 -0.35
C ALA A 148 5.24 -19.50 -0.56
N ARG A 149 4.51 -19.48 0.55
CA ARG A 149 3.12 -19.07 0.44
C ARG A 149 2.96 -17.55 0.59
N TYR A 150 2.05 -17.04 -0.23
CA TYR A 150 1.69 -15.65 -0.17
C TYR A 150 1.11 -15.37 1.20
N GLY A 151 1.18 -14.10 1.61
CA GLY A 151 0.47 -13.60 2.80
C GLY A 151 1.44 -13.02 3.83
N LYS A 152 0.86 -12.33 4.82
CA LYS A 152 1.58 -11.73 5.97
C LYS A 152 2.45 -10.53 5.59
N VAL A 153 3.21 -10.63 4.51
CA VAL A 153 4.06 -9.55 4.06
C VAL A 153 4.04 -9.36 2.55
N PHE A 154 4.42 -8.16 2.12
CA PHE A 154 4.49 -7.87 0.69
C PHE A 154 5.38 -8.87 -0.05
N ARG A 155 4.89 -9.37 -1.18
CA ARG A 155 5.63 -10.44 -1.91
C ARG A 155 7.05 -10.08 -2.33
N GLY A 156 7.28 -8.78 -2.52
CA GLY A 156 8.61 -8.31 -2.88
C GLY A 156 9.64 -8.55 -1.78
N ASN A 157 9.20 -8.44 -0.52
CA ASN A 157 10.06 -8.66 0.63
C ASN A 157 10.39 -10.13 0.67
N LYS A 158 9.41 -10.98 0.31
CA LYS A 158 9.66 -12.44 0.17
C LYS A 158 10.77 -12.76 -0.79
N VAL A 159 10.72 -12.15 -1.99
CA VAL A 159 11.72 -12.40 -3.01
C VAL A 159 13.10 -11.86 -2.54
N LYS A 160 13.11 -10.66 -1.96
CA LYS A 160 14.39 -10.04 -1.48
C LYS A 160 15.01 -11.01 -0.44
N ASN A 161 14.16 -11.48 0.50
CA ASN A 161 14.61 -12.43 1.55
C ASN A 161 15.17 -13.69 0.89
N ALA A 162 14.47 -14.26 -0.09
CA ALA A 162 15.00 -15.44 -0.82
C ALA A 162 16.34 -15.22 -1.52
N GLN A 163 16.44 -14.09 -2.22
CA GLN A 163 17.67 -13.71 -2.84
C GLN A 163 18.81 -13.65 -1.84
N LEU A 164 18.57 -12.99 -0.70
CA LEU A 164 19.68 -12.74 0.23
C LEU A 164 20.15 -14.06 0.82
N ALA A 165 19.22 -15.02 0.89
CA ALA A 165 19.53 -16.36 1.36
C ALA A 165 20.21 -17.28 0.30
N GLY A 166 20.48 -16.76 -0.90
CA GLY A 166 21.12 -17.55 -1.97
C GLY A 166 20.29 -18.46 -2.88
N ALA A 167 18.96 -18.37 -2.74
CA ALA A 167 18.02 -19.10 -3.60
C ALA A 167 18.24 -18.75 -5.07
N LYS A 168 17.98 -19.69 -5.98
CA LYS A 168 18.10 -19.44 -7.42
C LYS A 168 16.76 -19.23 -8.11
N GLY A 169 15.67 -19.34 -7.35
CA GLY A 169 14.33 -19.15 -7.91
C GLY A 169 13.30 -19.06 -6.81
N VAL A 170 12.17 -18.42 -7.10
CA VAL A 170 11.10 -18.38 -6.10
C VAL A 170 9.79 -18.79 -6.76
N ILE A 171 9.03 -19.64 -6.08
CA ILE A 171 7.68 -19.99 -6.55
C ILE A 171 6.76 -19.51 -5.43
N LEU A 172 5.79 -18.65 -5.78
CA LEU A 172 4.84 -18.13 -4.82
C LEU A 172 3.50 -18.85 -5.01
N TYR A 173 2.78 -19.13 -3.94
CA TYR A 173 1.46 -19.77 -4.13
C TYR A 173 0.51 -19.31 -3.07
N SER A 174 -0.79 -19.46 -3.32
CA SER A 174 -1.83 -19.12 -2.37
C SER A 174 -2.30 -20.40 -1.65
N ASP A 175 -2.03 -20.46 -0.37
CA ASP A 175 -2.46 -21.61 0.44
C ASP A 175 -3.89 -21.35 0.86
N PRO A 176 -4.78 -22.37 0.82
CA PRO A 176 -6.14 -22.20 1.33
C PRO A 176 -6.17 -21.73 2.77
N ALA A 177 -5.16 -22.06 3.56
CA ALA A 177 -5.12 -21.60 4.96
C ALA A 177 -5.13 -20.06 5.04
N ASP A 178 -4.63 -19.40 4.00
CA ASP A 178 -4.56 -17.94 4.00
C ASP A 178 -5.58 -17.27 3.06
N TYR A 179 -6.13 -17.99 2.08
CA TYR A 179 -6.95 -17.40 1.03
C TYR A 179 -8.23 -18.17 0.72
N PHE A 180 -8.65 -19.00 1.66
CA PHE A 180 -9.91 -19.72 1.49
C PHE A 180 -10.62 -19.64 2.85
N ALA A 181 -11.68 -18.85 2.92
CA ALA A 181 -12.44 -18.67 4.16
C ALA A 181 -13.35 -19.90 4.39
N PRO A 182 -13.28 -20.50 5.59
CA PRO A 182 -14.07 -21.71 5.86
C PRO A 182 -15.56 -21.42 5.72
N GLY A 183 -16.27 -22.34 5.08
CA GLY A 183 -17.73 -22.24 4.98
C GLY A 183 -18.25 -21.41 3.82
N VAL A 184 -17.36 -20.88 2.99
N VAL A 184 -17.34 -20.90 2.98
CA VAL A 184 -17.81 -20.10 1.84
CA VAL A 184 -17.69 -20.05 1.84
C VAL A 184 -17.33 -20.76 0.55
C VAL A 184 -17.31 -20.77 0.55
N LYS A 185 -18.15 -20.66 -0.47
CA LYS A 185 -17.90 -21.33 -1.74
C LYS A 185 -16.98 -20.50 -2.63
N SER A 186 -16.30 -21.18 -3.54
CA SER A 186 -15.40 -20.59 -4.54
C SER A 186 -16.19 -19.84 -5.57
N TYR A 187 -15.54 -18.84 -6.17
CA TYR A 187 -16.13 -18.09 -7.25
C TYR A 187 -16.44 -19.10 -8.38
N PRO A 188 -17.60 -18.98 -9.05
CA PRO A 188 -18.60 -17.91 -9.05
C PRO A 188 -19.75 -18.03 -8.03
N ASP A 189 -19.71 -19.01 -7.16
CA ASP A 189 -20.83 -19.28 -6.24
C ASP A 189 -20.65 -18.64 -4.89
N GLY A 190 -19.48 -18.01 -4.69
CA GLY A 190 -19.14 -17.35 -3.44
C GLY A 190 -17.86 -16.58 -3.72
N TRP A 191 -17.31 -15.97 -2.67
CA TRP A 191 -16.16 -15.09 -2.80
C TRP A 191 -14.79 -15.74 -2.53
N ASN A 192 -14.73 -17.08 -2.51
CA ASN A 192 -13.47 -17.78 -2.21
C ASN A 192 -12.64 -18.08 -3.44
N LEU A 193 -11.33 -18.28 -3.24
CA LEU A 193 -10.39 -18.53 -4.32
C LEU A 193 -10.52 -20.02 -4.72
N PRO A 194 -10.80 -20.30 -6.00
CA PRO A 194 -10.75 -21.64 -6.59
C PRO A 194 -9.30 -22.11 -6.68
N GLY A 195 -9.05 -23.42 -6.82
CA GLY A 195 -7.69 -23.96 -6.85
C GLY A 195 -6.85 -23.57 -8.06
N GLY A 196 -7.54 -23.11 -9.12
CA GLY A 196 -6.92 -22.65 -10.37
C GLY A 196 -6.67 -21.12 -10.36
N GLY A 197 -7.17 -20.43 -9.33
CA GLY A 197 -6.98 -18.96 -9.12
C GLY A 197 -5.57 -18.63 -8.74
N VAL A 198 -5.04 -17.48 -9.23
CA VAL A 198 -3.64 -17.17 -8.94
C VAL A 198 -3.52 -15.67 -8.69
N GLN A 199 -2.73 -15.31 -7.69
CA GLN A 199 -2.55 -13.90 -7.36
C GLN A 199 -1.42 -13.34 -8.19
N ARG A 200 -1.74 -12.41 -9.07
CA ARG A 200 -0.65 -11.69 -9.75
C ARG A 200 0.04 -10.70 -8.83
N GLY A 201 1.14 -10.10 -9.30
CA GLY A 201 1.64 -8.94 -8.54
C GLY A 201 3.12 -8.71 -8.75
N ASN A 202 3.52 -7.45 -8.66
CA ASN A 202 4.94 -7.13 -8.86
C ASN A 202 5.75 -7.57 -7.64
N ILE A 203 7.04 -7.82 -7.87
CA ILE A 203 7.96 -8.31 -6.82
C ILE A 203 9.19 -7.35 -6.73
N LEU A 204 8.95 -6.07 -6.92
CA LEU A 204 10.05 -5.07 -6.90
C LEU A 204 10.39 -4.76 -5.45
N ASN A 205 11.59 -4.20 -5.24
CA ASN A 205 11.95 -3.61 -3.96
CA ASN A 205 12.03 -3.66 -3.95
C ASN A 205 12.48 -2.21 -4.27
N LEU A 206 11.55 -1.32 -4.61
CA LEU A 206 11.92 0.02 -5.07
C LEU A 206 12.25 0.98 -3.93
N ASN A 207 11.75 0.68 -2.72
CA ASN A 207 11.94 1.62 -1.57
C ASN A 207 11.54 3.06 -1.94
N GLY A 208 10.43 3.19 -2.64
CA GLY A 208 9.84 4.50 -2.93
C GLY A 208 10.40 5.21 -4.15
N ALA A 209 11.25 4.54 -4.93
CA ALA A 209 11.90 5.23 -6.05
C ALA A 209 11.02 5.55 -7.25
N GLY A 210 9.94 4.80 -7.43
CA GLY A 210 9.11 4.91 -8.64
C GLY A 210 9.71 4.15 -9.81
N ASP A 211 9.62 4.71 -11.04
CA ASP A 211 10.18 4.00 -12.21
C ASP A 211 11.63 3.60 -11.93
N PRO A 212 11.94 2.29 -12.07
CA PRO A 212 13.27 1.79 -11.81
C PRO A 212 14.39 2.54 -12.59
N LEU A 213 14.05 3.07 -13.74
CA LEU A 213 15.08 3.70 -14.58
C LEU A 213 15.35 5.16 -14.33
N THR A 214 14.46 5.88 -13.62
CA THR A 214 14.65 7.35 -13.48
C THR A 214 14.46 7.83 -12.01
N PRO A 215 15.09 7.14 -11.05
N PRO A 215 15.18 7.22 -11.06
CA PRO A 215 14.82 7.55 -9.67
CA PRO A 215 15.01 7.65 -9.66
C PRO A 215 15.24 9.01 -9.40
C PRO A 215 15.29 9.12 -9.43
N GLY A 216 14.32 9.82 -8.85
CA GLY A 216 14.57 11.23 -8.56
C GLY A 216 13.87 12.21 -9.48
N TYR A 217 13.57 11.78 -10.73
CA TYR A 217 13.21 12.71 -11.80
C TYR A 217 12.08 12.06 -12.63
N PRO A 218 11.18 12.89 -13.18
CA PRO A 218 10.09 12.31 -13.95
C PRO A 218 10.59 11.64 -15.26
N ALA A 219 9.93 10.53 -15.61
CA ALA A 219 10.24 9.79 -16.84
C ALA A 219 9.58 10.48 -18.06
N ASN A 220 9.98 11.71 -18.31
CA ASN A 220 9.39 12.51 -19.37
C ASN A 220 10.14 12.21 -20.65
N GLU A 221 9.85 12.98 -21.70
CA GLU A 221 10.35 12.67 -23.05
C GLU A 221 11.88 12.75 -23.16
N TYR A 222 12.52 13.61 -22.36
CA TYR A 222 13.99 13.75 -22.54
C TYR A 222 14.76 13.09 -21.41
N ALA A 223 14.08 12.25 -20.61
CA ALA A 223 14.75 11.66 -19.48
C ALA A 223 15.95 10.84 -19.88
N TYR A 224 17.01 10.84 -19.08
N TYR A 224 16.93 10.86 -18.99
CA TYR A 224 18.16 9.95 -19.33
CA TYR A 224 18.05 9.93 -18.94
C TYR A 224 18.00 8.77 -18.33
C TYR A 224 17.56 8.70 -18.25
N ARG A 225 17.85 7.58 -18.87
CA ARG A 225 17.48 6.37 -18.15
C ARG A 225 18.70 5.59 -17.75
N ARG A 226 18.67 5.01 -16.55
CA ARG A 226 19.68 4.00 -16.23
C ARG A 226 19.58 2.80 -17.15
N GLY A 227 20.71 2.11 -17.35
CA GLY A 227 20.66 0.79 -17.96
C GLY A 227 20.01 -0.22 -17.04
N ILE A 228 19.48 -1.30 -17.60
CA ILE A 228 18.80 -2.33 -16.82
C ILE A 228 19.64 -2.82 -15.65
N ALA A 229 20.96 -2.93 -15.87
CA ALA A 229 21.93 -3.38 -14.89
C ALA A 229 22.03 -2.51 -13.64
N GLU A 230 21.71 -1.22 -13.78
CA GLU A 230 21.75 -0.28 -12.65
C GLU A 230 20.33 0.13 -12.19
N ALA A 231 19.29 -0.43 -12.80
CA ALA A 231 17.90 -0.12 -12.46
C ALA A 231 17.67 -0.39 -10.99
N VAL A 232 16.77 0.38 -10.39
CA VAL A 232 16.49 0.24 -8.97
C VAL A 232 15.47 -0.87 -8.74
N GLY A 233 15.76 -1.74 -7.79
CA GLY A 233 14.68 -2.60 -7.24
C GLY A 233 14.31 -3.87 -7.97
N LEU A 234 15.00 -4.20 -9.07
CA LEU A 234 14.63 -5.41 -9.84
C LEU A 234 15.16 -6.65 -9.17
N PRO A 235 14.36 -7.74 -9.15
CA PRO A 235 14.85 -8.99 -8.61
C PRO A 235 15.91 -9.65 -9.51
N SER A 236 16.75 -10.48 -8.89
N SER A 236 16.79 -10.46 -8.92
CA SER A 236 17.91 -11.07 -9.55
CA SER A 236 17.88 -11.10 -9.71
C SER A 236 17.73 -12.57 -9.78
C SER A 236 17.58 -12.53 -10.05
N ILE A 237 16.56 -13.10 -9.41
CA ILE A 237 16.20 -14.53 -9.64
C ILE A 237 14.77 -14.64 -10.15
N PRO A 238 14.49 -15.65 -10.99
CA PRO A 238 13.15 -15.88 -11.54
C PRO A 238 12.10 -16.18 -10.46
N VAL A 239 10.87 -15.70 -10.69
CA VAL A 239 9.78 -15.82 -9.73
C VAL A 239 8.49 -16.04 -10.51
N HIS A 240 7.60 -16.90 -9.99
CA HIS A 240 6.32 -17.15 -10.68
C HIS A 240 5.29 -17.56 -9.64
N PRO A 241 4.02 -17.10 -9.78
CA PRO A 241 3.03 -17.50 -8.80
C PRO A 241 2.13 -18.58 -9.38
N ILE A 242 1.57 -19.38 -8.48
CA ILE A 242 0.65 -20.49 -8.90
C ILE A 242 -0.50 -20.58 -7.91
N GLY A 243 -1.56 -21.31 -8.30
CA GLY A 243 -2.65 -21.60 -7.39
C GLY A 243 -2.45 -22.89 -6.59
N TYR A 244 -3.41 -23.20 -5.71
CA TYR A 244 -3.16 -24.32 -4.79
C TYR A 244 -3.33 -25.73 -5.37
N TYR A 245 -4.03 -25.89 -6.49
CA TYR A 245 -3.98 -27.18 -7.20
C TYR A 245 -2.54 -27.52 -7.64
N ASP A 246 -1.87 -26.55 -8.29
CA ASP A 246 -0.50 -26.72 -8.75
C ASP A 246 0.46 -26.84 -7.57
N ALA A 247 0.23 -26.03 -6.54
CA ALA A 247 1.09 -26.00 -5.36
C ALA A 247 1.09 -27.41 -4.72
N GLN A 248 -0.09 -27.97 -4.57
CA GLN A 248 -0.22 -29.34 -4.03
C GLN A 248 0.68 -30.35 -4.79
N LYS A 249 0.64 -30.30 -6.11
CA LYS A 249 1.52 -31.12 -6.92
C LYS A 249 3.00 -30.92 -6.62
N LEU A 250 3.42 -29.68 -6.37
CA LEU A 250 4.83 -29.43 -6.04
C LEU A 250 5.19 -29.75 -4.59
N LEU A 251 4.23 -29.64 -3.67
CA LEU A 251 4.55 -29.78 -2.26
C LEU A 251 4.44 -31.24 -1.74
N GLU A 252 3.68 -32.04 -2.46
CA GLU A 252 3.33 -33.38 -1.92
C GLU A 252 4.52 -34.34 -1.81
N LYS A 253 5.52 -34.18 -2.69
CA LYS A 253 6.70 -35.06 -2.68
C LYS A 253 7.82 -34.56 -1.77
N MET A 254 7.61 -33.44 -1.08
CA MET A 254 8.67 -32.82 -0.26
C MET A 254 9.22 -33.70 0.90
N GLY A 255 10.54 -33.75 1.01
CA GLY A 255 11.22 -34.54 2.05
C GLY A 255 12.05 -33.68 3.00
N GLY A 256 13.20 -34.23 3.42
CA GLY A 256 14.05 -33.51 4.37
C GLY A 256 13.31 -33.31 5.69
N SER A 257 13.68 -32.25 6.42
N SER A 257 13.68 -32.26 6.42
CA SER A 257 13.15 -31.96 7.74
CA SER A 257 13.15 -32.01 7.76
C SER A 257 11.64 -31.71 7.77
C SER A 257 11.65 -31.71 7.78
N ALA A 258 11.01 -32.11 8.88
CA ALA A 258 9.58 -31.82 9.10
C ALA A 258 9.39 -30.30 9.31
N PRO A 259 8.17 -29.80 9.12
CA PRO A 259 7.90 -28.42 9.52
C PRO A 259 8.21 -28.21 11.02
N PRO A 260 8.90 -27.11 11.39
CA PRO A 260 9.38 -26.90 12.77
C PRO A 260 8.26 -26.77 13.80
N ASP A 261 7.09 -26.34 13.36
CA ASP A 261 5.89 -26.34 14.19
C ASP A 261 4.65 -26.10 13.30
N SER A 262 3.47 -26.02 13.91
CA SER A 262 2.20 -26.02 13.18
C SER A 262 1.92 -24.68 12.51
N SER A 263 2.66 -23.63 12.90
CA SER A 263 2.51 -22.31 12.27
C SER A 263 3.06 -22.35 10.84
N TRP A 264 3.79 -23.41 10.50
CA TRP A 264 4.43 -23.63 9.21
C TRP A 264 3.58 -24.48 8.23
N ARG A 265 2.49 -25.07 8.75
CA ARG A 265 1.55 -25.92 7.97
C ARG A 265 0.34 -25.14 7.50
N GLY A 266 0.07 -25.20 6.20
CA GLY A 266 -1.13 -24.62 5.60
C GLY A 266 -2.23 -25.68 5.62
N SER A 267 -3.17 -25.59 4.68
CA SER A 267 -4.39 -26.42 4.68
C SER A 267 -4.39 -27.52 3.66
N LEU A 268 -3.36 -27.60 2.83
CA LEU A 268 -3.33 -28.65 1.84
C LEU A 268 -3.01 -29.98 2.50
N LYS A 269 -3.40 -31.07 1.85
CA LYS A 269 -3.22 -32.41 2.42
C LYS A 269 -1.83 -32.90 1.98
N VAL A 270 -0.85 -32.40 2.72
CA VAL A 270 0.53 -32.38 2.33
C VAL A 270 1.24 -32.22 3.69
N PRO A 271 2.46 -32.78 3.84
CA PRO A 271 3.10 -32.70 5.18
C PRO A 271 3.69 -31.32 5.52
N TYR A 272 3.97 -30.53 4.48
CA TYR A 272 4.68 -29.24 4.63
C TYR A 272 6.13 -29.46 5.10
N ASN A 273 6.72 -30.54 4.57
CA ASN A 273 8.15 -30.76 4.77
C ASN A 273 8.94 -29.60 4.15
N VAL A 274 9.95 -29.16 4.88
CA VAL A 274 10.70 -28.00 4.49
C VAL A 274 11.73 -28.33 3.40
N GLY A 275 12.06 -29.62 3.26
CA GLY A 275 13.09 -30.02 2.29
C GLY A 275 14.45 -29.99 2.98
N PRO A 276 15.53 -29.76 2.20
CA PRO A 276 15.56 -29.58 0.74
C PRO A 276 15.18 -30.85 0.00
N GLY A 277 14.61 -30.70 -1.19
CA GLY A 277 14.33 -31.84 -2.07
C GLY A 277 13.13 -32.68 -1.70
N PHE A 278 12.89 -33.70 -2.53
CA PHE A 278 11.79 -34.68 -2.35
C PHE A 278 12.19 -35.93 -1.50
N THR A 279 11.20 -36.75 -1.10
CA THR A 279 11.47 -38.02 -0.37
C THR A 279 12.16 -39.05 -1.27
N GLY A 280 12.52 -40.19 -0.66
CA GLY A 280 13.18 -41.32 -1.35
C GLY A 280 12.84 -41.69 -2.78
N ASN A 281 11.60 -42.15 -3.01
CA ASN A 281 11.12 -42.50 -4.36
C ASN A 281 11.53 -41.47 -5.43
N PHE A 282 11.32 -40.19 -5.13
CA PHE A 282 11.46 -39.14 -6.14
C PHE A 282 12.66 -38.21 -5.91
N SER A 283 13.61 -38.66 -5.08
CA SER A 283 14.72 -37.80 -4.67
C SER A 283 15.58 -37.38 -5.86
N THR A 284 15.34 -38.00 -7.01
CA THR A 284 16.08 -37.71 -8.24
C THR A 284 15.29 -36.78 -9.16
N GLN A 285 14.00 -36.58 -8.89
CA GLN A 285 13.25 -35.55 -9.66
C GLN A 285 13.62 -34.16 -9.17
N LYS A 286 13.43 -33.19 -10.06
CA LYS A 286 13.73 -31.80 -9.77
C LYS A 286 12.60 -30.83 -10.21
N VAL A 287 12.69 -29.58 -9.77
CA VAL A 287 11.76 -28.52 -10.19
C VAL A 287 12.48 -27.60 -11.16
N LYS A 288 11.82 -27.30 -12.28
CA LYS A 288 12.39 -26.42 -13.31
C LYS A 288 11.43 -25.25 -13.55
N MET A 289 11.92 -24.00 -13.50
CA MET A 289 11.06 -22.86 -13.84
C MET A 289 11.36 -22.50 -15.28
N HIS A 290 10.37 -21.96 -15.99
CA HIS A 290 10.56 -21.44 -17.33
C HIS A 290 9.96 -20.03 -17.36
N ILE A 291 10.79 -18.99 -17.28
CA ILE A 291 10.30 -17.60 -17.22
C ILE A 291 10.89 -16.81 -18.37
N HIS A 292 10.01 -16.25 -19.20
CA HIS A 292 10.38 -15.53 -20.43
C HIS A 292 9.78 -14.11 -20.57
N SER A 293 9.25 -13.61 -19.45
CA SER A 293 8.72 -12.24 -19.38
C SER A 293 9.79 -11.24 -19.78
N THR A 294 9.38 -10.07 -20.30
CA THR A 294 10.36 -9.06 -20.71
C THR A 294 9.99 -7.71 -20.07
N ASN A 295 11.00 -6.93 -19.71
CA ASN A 295 10.76 -5.57 -19.18
C ASN A 295 10.82 -4.66 -20.39
N GLU A 296 9.89 -3.71 -20.45
CA GLU A 296 9.68 -2.88 -21.61
CA GLU A 296 9.76 -2.86 -21.60
C GLU A 296 9.35 -1.47 -21.14
N VAL A 297 10.07 -0.47 -21.63
CA VAL A 297 9.68 0.94 -21.32
C VAL A 297 8.34 1.23 -22.10
N THR A 298 7.30 1.72 -21.40
CA THR A 298 5.96 1.72 -21.95
C THR A 298 5.31 3.00 -21.46
N ARG A 299 4.48 3.64 -22.29
CA ARG A 299 3.81 4.87 -21.83
C ARG A 299 2.61 4.55 -20.89
N ILE A 300 2.47 5.38 -19.87
CA ILE A 300 1.39 5.33 -18.90
C ILE A 300 0.76 6.74 -18.82
N TYR A 301 -0.48 6.80 -18.37
CA TYR A 301 -1.26 8.02 -18.37
C TYR A 301 -2.00 8.24 -17.08
N ASN A 302 -1.69 9.36 -16.42
CA ASN A 302 -2.50 9.79 -15.27
C ASN A 302 -3.56 10.78 -15.73
N VAL A 303 -4.75 10.73 -15.13
CA VAL A 303 -5.74 11.80 -15.41
C VAL A 303 -5.68 12.72 -14.17
N ILE A 304 -5.51 14.02 -14.39
CA ILE A 304 -5.39 15.00 -13.31
C ILE A 304 -6.47 16.04 -13.51
N GLY A 305 -7.44 16.10 -12.59
CA GLY A 305 -8.56 17.07 -12.68
C GLY A 305 -8.39 18.12 -11.60
N THR A 306 -8.72 19.37 -11.93
CA THR A 306 -8.53 20.50 -11.01
C THR A 306 -9.87 21.17 -10.78
N LEU A 307 -10.19 21.40 -9.50
CA LEU A 307 -11.28 22.32 -9.12
C LEU A 307 -10.65 23.45 -8.35
N ARG A 308 -10.51 24.60 -9.02
N ARG A 308 -10.45 24.60 -9.02
CA ARG A 308 -9.85 25.78 -8.48
CA ARG A 308 -9.66 25.74 -8.50
C ARG A 308 -10.49 26.29 -7.19
C ARG A 308 -10.35 26.48 -7.34
N GLY A 309 -9.63 26.59 -6.21
CA GLY A 309 -10.11 27.19 -4.96
C GLY A 309 -10.48 28.66 -5.12
N ALA A 310 -11.55 29.04 -4.44
CA ALA A 310 -12.04 30.47 -4.47
C ALA A 310 -11.15 31.43 -3.69
N VAL A 311 -10.52 30.94 -2.61
CA VAL A 311 -9.81 31.81 -1.69
C VAL A 311 -8.29 31.51 -1.63
N GLU A 312 -7.97 30.23 -1.55
CA GLU A 312 -6.55 29.78 -1.54
C GLU A 312 -6.34 28.80 -2.70
N PRO A 313 -6.34 29.31 -3.94
CA PRO A 313 -6.16 28.39 -5.08
C PRO A 313 -4.77 27.73 -5.07
N ASP A 314 -3.83 28.35 -4.35
CA ASP A 314 -2.45 27.82 -4.26
C ASP A 314 -2.27 26.82 -3.06
N ARG A 315 -3.36 26.21 -2.60
CA ARG A 315 -3.31 25.21 -1.54
C ARG A 315 -4.04 24.02 -2.10
N TYR A 316 -3.36 22.86 -2.13
CA TYR A 316 -3.92 21.69 -2.80
C TYR A 316 -4.36 20.58 -1.87
N VAL A 317 -5.61 20.15 -2.03
CA VAL A 317 -6.09 18.94 -1.37
C VAL A 317 -6.29 17.90 -2.50
N ILE A 318 -5.63 16.76 -2.37
CA ILE A 318 -5.58 15.81 -3.45
C ILE A 318 -6.35 14.55 -3.11
N LEU A 319 -7.25 14.13 -4.00
CA LEU A 319 -7.92 12.83 -3.87
C LEU A 319 -7.43 11.98 -5.03
N GLY A 320 -6.67 10.92 -4.74
CA GLY A 320 -6.03 10.14 -5.82
C GLY A 320 -6.14 8.64 -5.57
N GLY A 321 -6.35 7.89 -6.64
CA GLY A 321 -6.37 6.41 -6.55
C GLY A 321 -6.06 5.89 -7.93
N HIS A 322 -5.63 4.63 -8.04
CA HIS A 322 -5.20 4.14 -9.34
C HIS A 322 -6.39 3.59 -10.18
N ARG A 323 -6.13 3.42 -11.47
CA ARG A 323 -7.12 3.00 -12.48
C ARG A 323 -6.68 1.70 -13.14
N ASP A 324 -5.34 1.48 -13.16
CA ASP A 324 -4.82 0.26 -13.81
C ASP A 324 -5.16 -0.93 -12.95
N SER A 325 -5.40 -2.08 -13.59
CA SER A 325 -5.78 -3.25 -12.84
C SER A 325 -5.02 -4.43 -13.41
N TRP A 326 -4.95 -5.49 -12.64
CA TRP A 326 -4.36 -6.73 -13.19
C TRP A 326 -5.22 -7.39 -14.28
N VAL A 327 -6.50 -7.57 -14.02
CA VAL A 327 -7.41 -7.98 -15.09
C VAL A 327 -8.61 -7.04 -15.05
N PHE A 328 -9.77 -7.50 -14.57
CA PHE A 328 -10.97 -6.64 -14.61
C PHE A 328 -11.05 -5.63 -13.46
N GLY A 329 -10.29 -5.86 -12.39
CA GLY A 329 -10.21 -4.82 -11.29
C GLY A 329 -11.53 -4.58 -10.57
N GLY A 330 -12.31 -5.66 -10.41
CA GLY A 330 -13.69 -5.46 -9.88
C GLY A 330 -13.64 -4.86 -8.47
N ILE A 331 -12.67 -5.32 -7.67
CA ILE A 331 -12.44 -4.61 -6.40
C ILE A 331 -11.24 -3.67 -6.60
N ASP A 332 -10.12 -4.26 -7.00
CA ASP A 332 -8.84 -3.52 -7.08
C ASP A 332 -8.53 -3.09 -8.49
N PRO A 333 -8.68 -1.80 -8.80
CA PRO A 333 -9.04 -0.62 -7.99
C PRO A 333 -10.45 -0.09 -8.28
N GLN A 334 -11.25 -0.75 -9.14
CA GLN A 334 -12.41 0.02 -9.69
C GLN A 334 -13.48 0.30 -8.66
N SER A 335 -13.53 -0.50 -7.60
CA SER A 335 -14.42 -0.15 -6.49
C SER A 335 -14.05 1.16 -5.81
N GLY A 336 -12.75 1.48 -5.79
CA GLY A 336 -12.27 2.81 -5.39
C GLY A 336 -12.46 3.86 -6.49
N ALA A 337 -12.12 3.54 -7.73
CA ALA A 337 -12.22 4.55 -8.78
C ALA A 337 -13.67 4.99 -9.09
N ALA A 338 -14.61 4.06 -8.93
CA ALA A 338 -16.04 4.38 -9.13
C ALA A 338 -16.47 5.35 -8.05
N VAL A 339 -15.93 5.15 -6.84
CA VAL A 339 -16.22 6.09 -5.74
C VAL A 339 -15.64 7.47 -6.04
N VAL A 340 -14.40 7.49 -6.51
CA VAL A 340 -13.84 8.80 -6.87
C VAL A 340 -14.70 9.50 -7.97
N HIS A 341 -15.18 8.73 -8.94
CA HIS A 341 -15.92 9.29 -10.10
C HIS A 341 -17.19 9.97 -9.60
N GLU A 342 -17.85 9.35 -8.65
CA GLU A 342 -19.10 9.90 -8.06
C GLU A 342 -18.80 11.10 -7.15
N ILE A 343 -17.67 11.04 -6.42
CA ILE A 343 -17.18 12.23 -5.71
C ILE A 343 -16.93 13.41 -6.62
N VAL A 344 -16.23 13.20 -7.74
CA VAL A 344 -16.04 14.28 -8.71
C VAL A 344 -17.42 14.76 -9.22
N ARG A 345 -18.30 13.81 -9.53
CA ARG A 345 -19.60 14.21 -10.07
C ARG A 345 -20.33 15.16 -9.08
N SER A 346 -20.33 14.79 -7.78
CA SER A 346 -20.99 15.59 -6.74
C SER A 346 -20.35 16.95 -6.58
N PHE A 347 -19.01 17.01 -6.52
CA PHE A 347 -18.39 18.31 -6.41
C PHE A 347 -18.73 19.17 -7.61
N GLY A 348 -18.73 18.58 -8.80
CA GLY A 348 -19.02 19.34 -10.03
C GLY A 348 -20.48 19.86 -10.04
N THR A 349 -21.40 19.11 -9.45
CA THR A 349 -22.79 19.58 -9.38
C THR A 349 -22.86 20.88 -8.55
N LEU A 350 -22.12 20.93 -7.44
N LEU A 350 -22.13 20.93 -7.44
CA LEU A 350 -22.07 22.14 -6.61
CA LEU A 350 -22.05 22.14 -6.61
C LEU A 350 -21.41 23.28 -7.36
C LEU A 350 -21.43 23.28 -7.38
N LYS A 351 -20.31 22.97 -8.06
CA LYS A 351 -19.64 23.95 -8.88
C LYS A 351 -20.55 24.57 -9.96
N LYS A 352 -21.29 23.73 -10.68
CA LYS A 352 -22.25 24.20 -11.70
C LYS A 352 -23.30 25.14 -11.14
N GLU A 353 -23.59 25.03 -9.84
CA GLU A 353 -24.51 25.96 -9.12
C GLU A 353 -23.85 27.20 -8.56
N GLY A 354 -22.54 27.34 -8.79
CA GLY A 354 -21.83 28.55 -8.40
C GLY A 354 -20.92 28.40 -7.19
N TRP A 355 -20.81 27.18 -6.63
CA TRP A 355 -20.00 27.01 -5.45
C TRP A 355 -18.55 26.72 -5.92
N ARG A 356 -17.59 27.10 -5.11
CA ARG A 356 -16.20 26.60 -5.24
C ARG A 356 -15.68 26.29 -3.85
N PRO A 357 -14.80 25.30 -3.76
CA PRO A 357 -14.12 25.09 -2.48
C PRO A 357 -13.21 26.24 -2.13
N ARG A 358 -12.94 26.41 -0.84
CA ARG A 358 -12.02 27.44 -0.38
C ARG A 358 -10.62 27.16 -1.02
N ARG A 359 -10.13 25.92 -0.86
CA ARG A 359 -8.81 25.56 -1.46
C ARG A 359 -9.00 24.77 -2.75
N THR A 360 -7.95 24.67 -3.56
CA THR A 360 -7.99 23.85 -4.77
C THR A 360 -8.07 22.36 -4.43
N ILE A 361 -8.96 21.64 -5.12
CA ILE A 361 -8.99 20.20 -5.02
C ILE A 361 -8.41 19.63 -6.34
N LEU A 362 -7.46 18.68 -6.21
CA LEU A 362 -6.94 17.95 -7.36
C LEU A 362 -7.42 16.50 -7.25
N PHE A 363 -7.91 15.98 -8.37
CA PHE A 363 -8.40 14.64 -8.46
C PHE A 363 -7.46 13.89 -9.41
N ALA A 364 -7.07 12.70 -9.00
CA ALA A 364 -6.15 11.90 -9.79
C ALA A 364 -6.60 10.45 -9.98
N SER A 365 -6.44 10.02 -11.21
CA SER A 365 -6.64 8.64 -11.65
C SER A 365 -5.25 8.16 -12.04
N TRP A 366 -4.55 7.45 -11.13
CA TRP A 366 -3.15 7.09 -11.37
C TRP A 366 -2.98 5.85 -12.22
N ASP A 367 -1.92 5.80 -13.05
CA ASP A 367 -1.66 4.60 -13.84
C ASP A 367 -0.51 3.82 -13.21
N ALA A 368 -0.39 2.54 -13.60
CA ALA A 368 0.74 1.67 -13.23
C ALA A 368 1.02 1.62 -11.74
N GLU A 369 -0.03 1.73 -10.93
CA GLU A 369 0.17 1.51 -9.49
C GLU A 369 0.57 0.06 -9.27
N GLU A 370 -0.01 -0.86 -10.05
CA GLU A 370 0.29 -2.27 -9.84
C GLU A 370 1.71 -2.65 -10.17
N PHE A 371 2.41 -1.80 -10.94
CA PHE A 371 3.81 -2.08 -11.28
C PHE A 371 4.83 -1.30 -10.45
N GLY A 372 4.39 -0.80 -9.30
CA GLY A 372 5.34 -0.16 -8.36
C GLY A 372 5.01 1.29 -8.01
N LEU A 373 3.75 1.68 -8.09
CA LEU A 373 3.27 3.01 -7.75
C LEU A 373 3.88 4.01 -8.79
N LEU A 374 4.02 3.57 -10.04
CA LEU A 374 4.85 4.40 -10.99
C LEU A 374 4.18 5.69 -11.39
N GLY A 375 2.88 5.66 -11.63
CA GLY A 375 2.20 6.89 -12.11
C GLY A 375 2.14 7.97 -11.06
N SER A 376 1.76 7.63 -9.83
CA SER A 376 1.73 8.67 -8.78
C SER A 376 3.14 9.16 -8.47
N THR A 377 4.13 8.25 -8.47
CA THR A 377 5.46 8.68 -8.09
C THR A 377 6.10 9.59 -9.20
N GLU A 378 5.94 9.23 -10.48
CA GLU A 378 6.48 10.09 -11.53
C GLU A 378 5.83 11.44 -11.50
N TRP A 379 4.51 11.49 -11.33
CA TRP A 379 3.85 12.83 -11.32
C TRP A 379 4.38 13.66 -10.11
N ALA A 380 4.44 13.04 -8.93
CA ALA A 380 4.98 13.74 -7.77
C ALA A 380 6.45 14.16 -7.97
N GLU A 381 7.27 13.32 -8.62
CA GLU A 381 8.64 13.80 -8.94
C GLU A 381 8.61 15.01 -9.89
N GLU A 382 7.67 14.99 -10.85
CA GLU A 382 7.60 16.13 -11.77
C GLU A 382 7.20 17.40 -11.01
N ASN A 383 6.26 17.24 -10.09
CA ASN A 383 5.58 18.42 -9.43
C ASN A 383 5.99 18.62 -7.98
N SER A 384 7.17 18.09 -7.64
CA SER A 384 7.58 18.05 -6.22
C SER A 384 7.67 19.42 -5.58
N ARG A 385 8.12 20.44 -6.33
CA ARG A 385 8.22 21.75 -5.70
C ARG A 385 6.84 22.37 -5.41
N LEU A 386 5.90 22.14 -6.33
CA LEU A 386 4.54 22.68 -6.12
C LEU A 386 3.95 21.94 -4.93
N LEU A 387 4.17 20.63 -4.90
CA LEU A 387 3.56 19.83 -3.86
C LEU A 387 4.12 20.11 -2.47
N GLN A 388 5.41 20.28 -2.38
CA GLN A 388 5.90 20.51 -1.07
C GLN A 388 5.63 21.87 -0.51
N GLU A 389 5.43 22.90 -1.38
CA GLU A 389 5.14 24.21 -0.82
C GLU A 389 3.61 24.45 -0.74
N ARG A 390 2.81 23.61 -1.40
CA ARG A 390 1.37 23.93 -1.48
C ARG A 390 0.48 22.78 -1.05
N GLY A 391 1.06 21.59 -0.85
CA GLY A 391 0.25 20.39 -0.64
C GLY A 391 -0.28 20.32 0.79
N VAL A 392 -1.58 20.41 0.92
CA VAL A 392 -2.21 20.39 2.25
C VAL A 392 -2.41 18.95 2.77
N ALA A 393 -2.95 18.09 1.91
CA ALA A 393 -3.31 16.71 2.26
C ALA A 393 -3.52 15.88 1.03
N TYR A 394 -3.34 14.58 1.20
CA TYR A 394 -3.54 13.57 0.15
C TYR A 394 -4.45 12.49 0.74
N ILE A 395 -5.58 12.21 0.10
CA ILE A 395 -6.49 11.13 0.50
C ILE A 395 -6.44 10.12 -0.63
N ASN A 396 -6.02 8.91 -0.28
CA ASN A 396 -5.95 7.85 -1.30
C ASN A 396 -7.33 7.28 -1.65
N ALA A 397 -7.41 6.52 -2.75
CA ALA A 397 -8.74 5.97 -3.10
C ALA A 397 -8.60 4.77 -3.95
N ASP A 398 -7.96 3.74 -3.37
CA ASP A 398 -7.90 2.44 -4.01
C ASP A 398 -9.21 1.73 -3.53
N SER A 399 -9.22 0.41 -3.60
CA SER A 399 -10.42 -0.44 -3.37
C SER A 399 -11.25 0.13 -2.19
N SER A 400 -12.54 0.35 -2.42
CA SER A 400 -13.41 0.86 -1.35
CA SER A 400 -13.39 0.87 -1.35
C SER A 400 -13.83 -0.21 -0.35
N ILE A 401 -13.78 -1.48 -0.76
CA ILE A 401 -14.18 -2.59 0.10
C ILE A 401 -13.15 -3.73 -0.01
N GLU A 402 -12.86 -4.38 1.11
CA GLU A 402 -12.11 -5.62 1.06
C GLU A 402 -12.88 -6.59 1.98
N GLY A 403 -14.11 -6.19 2.32
CA GLY A 403 -14.95 -6.94 3.29
C GLY A 403 -16.21 -6.12 3.49
N ASN A 404 -17.14 -6.58 4.31
CA ASN A 404 -18.37 -5.80 4.53
C ASN A 404 -18.69 -5.67 6.02
N TYR A 405 -17.65 -5.80 6.83
CA TYR A 405 -17.81 -5.76 8.29
C TYR A 405 -17.78 -4.35 8.90
N THR A 406 -16.69 -3.59 8.72
CA THR A 406 -16.62 -2.30 9.39
C THR A 406 -15.59 -1.43 8.66
N LEU A 407 -15.46 -0.20 9.12
CA LEU A 407 -14.49 0.73 8.53
C LEU A 407 -13.05 0.42 8.91
N ARG A 408 -12.11 0.79 8.03
CA ARG A 408 -10.69 0.67 8.33
C ARG A 408 -10.05 1.98 7.86
N VAL A 409 -9.43 2.70 8.79
CA VAL A 409 -8.76 3.96 8.43
C VAL A 409 -7.31 3.86 8.84
N ASP A 410 -6.43 4.27 7.94
N ASP A 410 -6.41 4.17 7.91
CA ASP A 410 -5.03 4.41 8.26
CA ASP A 410 -5.00 4.41 8.25
C ASP A 410 -4.63 5.80 7.83
C ASP A 410 -4.76 5.85 7.88
N CYS A 411 -4.10 6.60 8.76
CA CYS A 411 -3.78 8.01 8.46
C CYS A 411 -2.74 8.59 9.40
N THR A 412 -2.26 9.78 9.05
CA THR A 412 -1.46 10.60 9.97
C THR A 412 -2.24 10.98 11.21
N PRO A 413 -1.59 11.02 12.37
CA PRO A 413 -2.33 11.43 13.58
C PRO A 413 -2.99 12.80 13.35
N LEU A 414 -2.45 13.63 12.42
CA LEU A 414 -3.06 14.93 12.19
C LEU A 414 -4.53 14.87 11.73
N MET A 415 -4.98 13.73 11.25
N MET A 415 -4.94 13.72 11.21
CA MET A 415 -6.34 13.67 10.79
CA MET A 415 -6.30 13.50 10.69
C MET A 415 -7.20 12.78 11.66
C MET A 415 -7.22 12.84 11.70
N TYR A 416 -6.71 12.41 12.85
CA TYR A 416 -7.54 11.55 13.75
C TYR A 416 -8.84 12.26 14.14
N SER A 417 -8.71 13.53 14.55
N SER A 417 -8.71 13.53 14.52
CA SER A 417 -9.88 14.31 15.04
CA SER A 417 -9.87 14.25 15.06
C SER A 417 -10.89 14.48 13.92
C SER A 417 -10.88 14.63 13.97
N LEU A 418 -10.39 14.92 12.76
CA LEU A 418 -11.20 15.03 11.54
C LEU A 418 -12.02 13.74 11.31
N VAL A 419 -11.39 12.58 11.47
CA VAL A 419 -12.03 11.31 11.13
C VAL A 419 -13.07 10.98 12.21
N HIS A 420 -12.71 11.18 13.47
CA HIS A 420 -13.72 11.01 14.55
C HIS A 420 -14.95 11.90 14.28
N ASN A 421 -14.71 13.20 14.08
CA ASN A 421 -15.82 14.16 13.89
C ASN A 421 -16.68 13.84 12.70
N LEU A 422 -16.04 13.51 11.56
CA LEU A 422 -16.81 13.16 10.39
C LEU A 422 -17.67 11.92 10.55
N THR A 423 -17.11 10.84 11.08
CA THR A 423 -17.85 9.58 11.19
C THR A 423 -19.01 9.68 12.20
N LYS A 424 -18.93 10.63 13.14
CA LYS A 424 -20.05 10.86 14.09
C LYS A 424 -21.23 11.50 13.37
N GLU A 425 -20.97 12.15 12.23
CA GLU A 425 -22.05 12.78 11.48
C GLU A 425 -22.58 11.93 10.34
N LEU A 426 -22.00 10.75 10.10
CA LEU A 426 -22.41 9.86 9.04
C LEU A 426 -23.23 8.71 9.61
N LYS A 427 -24.20 8.27 8.84
CA LYS A 427 -25.07 7.16 9.23
C LYS A 427 -24.32 5.86 9.03
N SER A 428 -24.40 4.95 9.99
CA SER A 428 -23.86 3.63 9.73
C SER A 428 -24.66 2.82 8.70
N PRO A 429 -23.98 2.20 7.72
CA PRO A 429 -24.70 1.30 6.80
C PRO A 429 -24.93 -0.12 7.35
N ASP A 430 -24.41 -0.41 8.54
CA ASP A 430 -24.36 -1.79 9.03
C ASP A 430 -25.75 -2.23 9.56
N GLU A 431 -26.06 -3.48 9.30
CA GLU A 431 -27.22 -4.21 9.91
C GLU A 431 -27.07 -4.19 11.43
N GLY A 432 -28.16 -3.84 12.13
CA GLY A 432 -28.11 -3.73 13.59
C GLY A 432 -27.75 -2.36 14.10
N PHE A 433 -27.32 -1.45 13.20
CA PHE A 433 -26.94 -0.09 13.59
C PHE A 433 -27.72 0.95 12.82
N GLU A 434 -28.90 0.59 12.30
CA GLU A 434 -29.74 1.57 11.60
C GLU A 434 -30.10 2.69 12.57
N GLY A 435 -30.04 3.93 12.08
CA GLY A 435 -30.24 5.08 12.94
C GLY A 435 -29.05 5.48 13.81
N LYS A 436 -27.99 4.65 13.81
N LYS A 436 -27.99 4.66 13.78
CA LYS A 436 -26.80 4.98 14.60
CA LYS A 436 -26.79 4.94 14.55
C LYS A 436 -25.65 5.44 13.68
C LYS A 436 -25.72 5.59 13.64
N SER A 437 -24.70 6.19 14.25
CA SER A 437 -23.61 6.81 13.48
C SER A 437 -22.61 5.76 13.01
N LEU A 438 -21.89 6.11 11.95
CA LEU A 438 -20.77 5.28 11.53
C LEU A 438 -19.73 5.18 12.67
N TYR A 439 -19.51 6.28 13.40
CA TYR A 439 -18.59 6.25 14.54
C TYR A 439 -18.97 5.15 15.54
N GLU A 440 -20.26 5.07 15.85
CA GLU A 440 -20.72 4.11 16.86
C GLU A 440 -20.47 2.65 16.41
N SER A 441 -20.83 2.34 15.15
CA SER A 441 -20.67 0.98 14.64
C SER A 441 -19.20 0.58 14.49
N TRP A 442 -18.38 1.51 13.96
CA TRP A 442 -16.96 1.27 13.81
C TRP A 442 -16.25 1.10 15.17
N THR A 443 -16.53 1.95 16.15
N THR A 443 -16.58 1.97 16.13
CA THR A 443 -15.85 1.76 17.42
CA THR A 443 -16.00 1.91 17.47
C THR A 443 -16.33 0.45 18.06
C THR A 443 -16.39 0.60 18.18
N LYS A 444 -17.63 0.15 17.95
CA LYS A 444 -18.13 -1.12 18.49
C LYS A 444 -17.43 -2.33 17.85
N LYS A 445 -17.22 -2.29 16.54
CA LYS A 445 -16.66 -3.44 15.81
C LYS A 445 -15.15 -3.51 15.81
N SER A 446 -14.49 -2.34 15.93
CA SER A 446 -13.06 -2.26 15.82
C SER A 446 -12.56 -1.27 16.89
N PRO A 447 -12.64 -1.69 18.17
CA PRO A 447 -12.27 -0.75 19.22
C PRO A 447 -10.78 -0.44 19.25
N SER A 448 -10.45 0.77 19.67
CA SER A 448 -9.08 1.10 19.99
C SER A 448 -8.48 0.12 21.01
N PRO A 449 -7.24 -0.35 20.77
CA PRO A 449 -6.52 -1.17 21.77
C PRO A 449 -6.12 -0.33 23.01
N GLU A 450 -6.18 0.99 22.89
CA GLU A 450 -5.77 1.87 23.97
C GLU A 450 -6.85 2.69 24.68
N PHE A 451 -7.85 3.18 23.95
CA PHE A 451 -8.85 4.05 24.58
C PHE A 451 -10.27 3.53 24.43
N SER A 452 -10.97 3.45 25.56
CA SER A 452 -12.35 2.96 25.52
C SER A 452 -13.18 3.99 24.80
N GLY A 453 -14.16 3.51 24.03
CA GLY A 453 -15.10 4.40 23.35
C GLY A 453 -14.54 5.13 22.12
N MET A 454 -13.34 4.72 21.69
CA MET A 454 -12.80 5.19 20.41
C MET A 454 -12.47 4.02 19.47
N PRO A 455 -12.49 4.26 18.14
CA PRO A 455 -12.20 3.21 17.15
C PRO A 455 -10.71 3.07 16.92
N ARG A 456 -10.29 1.94 16.38
CA ARG A 456 -8.89 1.76 15.95
C ARG A 456 -8.60 2.59 14.68
N ILE A 457 -7.52 3.39 14.73
CA ILE A 457 -7.00 3.99 13.50
C ILE A 457 -5.55 3.61 13.42
N SER A 458 -5.13 3.08 12.27
N SER A 458 -5.12 3.04 12.29
CA SER A 458 -3.77 2.54 12.14
CA SER A 458 -3.74 2.58 12.24
C SER A 458 -2.84 3.57 11.48
C SER A 458 -2.84 3.53 11.46
N LYS A 459 -1.53 3.32 11.62
CA LYS A 459 -0.48 4.12 10.93
C LYS A 459 -0.63 3.83 9.47
N LEU A 460 -0.22 4.78 8.61
CA LEU A 460 0.00 4.44 7.22
C LEU A 460 1.24 3.59 7.05
N GLY A 461 1.12 2.54 6.24
CA GLY A 461 2.30 1.81 5.77
C GLY A 461 2.81 2.31 4.41
N SER A 462 2.99 1.37 3.47
CA SER A 462 3.21 1.76 2.08
C SER A 462 2.60 0.73 1.16
N GLY A 463 3.07 0.74 -0.08
CA GLY A 463 2.61 -0.15 -1.11
C GLY A 463 1.32 0.38 -1.70
N ASN A 464 1.05 1.69 -1.56
CA ASN A 464 -0.03 2.28 -2.37
C ASN A 464 0.32 3.73 -2.72
N ASP A 465 -0.55 4.43 -3.45
CA ASP A 465 -0.17 5.66 -4.10
C ASP A 465 0.05 6.85 -3.20
N PHE A 466 -0.36 6.78 -1.92
CA PHE A 466 0.01 7.82 -0.97
C PHE A 466 1.51 7.80 -0.64
N GLU A 467 2.25 6.74 -1.02
CA GLU A 467 3.64 6.56 -0.52
C GLU A 467 4.53 7.76 -0.88
N VAL A 468 4.52 8.20 -2.13
CA VAL A 468 5.42 9.33 -2.45
C VAL A 468 5.00 10.64 -1.67
N PHE A 469 3.68 10.86 -1.56
CA PHE A 469 3.22 12.09 -0.93
C PHE A 469 3.59 12.13 0.55
N PHE A 470 3.40 11.01 1.22
CA PHE A 470 3.61 10.97 2.68
C PHE A 470 5.05 10.69 3.09
N GLN A 471 5.61 9.57 2.59
CA GLN A 471 6.95 9.05 2.99
C GLN A 471 8.08 9.84 2.31
N ARG A 472 7.87 10.34 1.08
CA ARG A 472 8.92 11.12 0.50
C ARG A 472 8.74 12.65 0.74
N LEU A 473 7.53 13.16 0.48
CA LEU A 473 7.34 14.59 0.50
C LEU A 473 6.79 15.13 1.80
N GLY A 474 6.27 14.28 2.66
CA GLY A 474 5.76 14.77 3.98
C GLY A 474 4.46 15.54 3.91
N ILE A 475 3.56 15.12 3.03
CA ILE A 475 2.21 15.72 2.96
C ILE A 475 1.27 14.83 3.79
N ALA A 476 0.53 15.44 4.71
CA ALA A 476 -0.41 14.70 5.52
C ALA A 476 -1.31 13.81 4.66
N SER A 477 -1.46 12.51 5.01
CA SER A 477 -2.12 11.58 4.11
C SER A 477 -3.02 10.63 4.91
N GLY A 478 -4.02 10.08 4.23
CA GLY A 478 -4.98 9.17 4.88
C GLY A 478 -5.63 8.27 3.86
N ARG A 479 -6.26 7.20 4.36
CA ARG A 479 -7.01 6.30 3.51
C ARG A 479 -8.10 5.65 4.34
N ALA A 480 -9.17 5.25 3.68
CA ALA A 480 -10.31 4.63 4.37
C ALA A 480 -11.01 3.68 3.43
N ARG A 481 -11.37 2.51 3.95
N ARG A 481 -11.41 2.53 3.96
CA ARG A 481 -12.10 1.53 3.17
CA ARG A 481 -12.12 1.53 3.19
C ARG A 481 -12.84 0.56 4.10
C ARG A 481 -13.00 0.74 4.13
N TYR A 482 -13.86 -0.10 3.56
CA TYR A 482 -14.56 -1.10 4.37
C TYR A 482 -13.75 -2.37 4.37
N THR A 483 -13.76 -3.08 5.50
CA THR A 483 -12.89 -4.24 5.63
C THR A 483 -13.65 -5.42 6.25
N LYS A 484 -12.97 -6.56 6.38
CA LYS A 484 -13.51 -7.75 7.00
C LYS A 484 -13.31 -7.73 8.54
N ASN A 485 -13.86 -8.73 9.21
CA ASN A 485 -13.62 -8.95 10.64
C ASN A 485 -12.29 -9.70 10.78
N TRP A 486 -11.27 -9.03 11.30
CA TRP A 486 -9.89 -9.57 11.28
C TRP A 486 -9.61 -10.76 12.22
N GLY A 493 -5.62 -10.34 3.53
CA GLY A 493 -6.25 -9.53 2.49
C GLY A 493 -7.61 -10.10 2.15
N TYR A 494 -7.84 -10.49 0.88
CA TYR A 494 -9.14 -11.14 0.54
C TYR A 494 -8.91 -12.19 -0.53
N PRO A 495 -9.80 -13.22 -0.60
CA PRO A 495 -9.32 -14.40 -1.33
C PRO A 495 -8.99 -14.21 -2.79
N LEU A 496 -9.72 -13.36 -3.49
CA LEU A 496 -9.61 -13.30 -4.96
C LEU A 496 -8.69 -12.11 -5.40
N TYR A 497 -7.97 -11.57 -4.43
CA TYR A 497 -7.03 -10.44 -4.66
C TYR A 497 -6.10 -10.74 -5.85
N HIS A 498 -6.11 -9.85 -6.85
CA HIS A 498 -5.23 -9.93 -8.03
C HIS A 498 -5.46 -11.13 -8.99
N SER A 499 -6.62 -11.75 -8.85
N SER A 499 -6.61 -11.76 -8.86
CA SER A 499 -7.01 -12.88 -9.70
CA SER A 499 -6.96 -12.91 -9.71
C SER A 499 -7.98 -12.41 -10.79
C SER A 499 -8.03 -12.47 -10.73
N VAL A 500 -8.15 -13.23 -11.82
CA VAL A 500 -9.13 -12.94 -12.90
C VAL A 500 -10.60 -12.91 -12.32
N TYR A 501 -10.82 -13.50 -11.15
CA TYR A 501 -12.19 -13.55 -10.56
C TYR A 501 -12.62 -12.29 -9.86
N GLU A 502 -11.75 -11.28 -9.75
CA GLU A 502 -12.17 -9.98 -9.18
C GLU A 502 -12.96 -9.26 -10.23
N THR A 503 -14.29 -9.43 -10.21
CA THR A 503 -15.15 -8.89 -11.27
C THR A 503 -16.25 -8.03 -10.67
N TYR A 504 -16.99 -7.35 -11.54
CA TYR A 504 -18.19 -6.62 -11.12
C TYR A 504 -19.14 -7.60 -10.36
N GLU A 505 -19.25 -8.82 -10.87
CA GLU A 505 -20.25 -9.78 -10.25
C GLU A 505 -19.82 -10.16 -8.84
N LEU A 506 -18.51 -10.26 -8.63
CA LEU A 506 -18.03 -10.60 -7.26
C LEU A 506 -18.55 -9.54 -6.29
N VAL A 507 -18.47 -8.27 -6.69
CA VAL A 507 -18.81 -7.17 -5.79
C VAL A 507 -20.35 -7.12 -5.66
N GLU A 508 -21.05 -7.11 -6.81
CA GLU A 508 -22.50 -6.91 -6.82
C GLU A 508 -23.25 -8.08 -6.19
N LYS A 509 -22.75 -9.32 -6.36
CA LYS A 509 -23.41 -10.51 -5.74
C LYS A 509 -23.02 -10.76 -4.27
N PHE A 510 -21.72 -10.61 -3.94
CA PHE A 510 -21.17 -11.12 -2.65
C PHE A 510 -20.67 -10.07 -1.68
N TYR A 511 -20.16 -8.94 -2.15
CA TYR A 511 -19.63 -7.92 -1.23
C TYR A 511 -20.64 -6.86 -0.85
N ASP A 512 -21.28 -6.24 -1.85
CA ASP A 512 -22.03 -5.03 -1.53
C ASP A 512 -23.19 -4.86 -2.49
N PRO A 513 -24.19 -5.78 -2.44
CA PRO A 513 -25.24 -5.68 -3.44
C PRO A 513 -26.05 -4.39 -3.41
N MET A 514 -26.27 -3.73 -2.27
N MET A 514 -26.19 -3.78 -2.23
CA MET A 514 -26.97 -2.44 -2.28
CA MET A 514 -26.89 -2.50 -2.04
C MET A 514 -26.03 -1.25 -2.60
C MET A 514 -25.98 -1.28 -2.26
N PHE A 515 -24.74 -1.52 -2.64
CA PHE A 515 -23.71 -0.43 -2.78
C PHE A 515 -23.69 0.56 -1.64
N LYS A 516 -24.18 0.11 -0.48
CA LYS A 516 -24.25 0.97 0.70
C LYS A 516 -22.86 1.12 1.34
N TYR A 517 -22.00 0.11 1.22
CA TYR A 517 -20.64 0.20 1.80
C TYR A 517 -19.81 1.13 0.92
N HIS A 518 -19.91 0.98 -0.41
CA HIS A 518 -19.34 1.94 -1.36
C HIS A 518 -19.81 3.37 -1.04
N LEU A 519 -21.10 3.53 -0.80
CA LEU A 519 -21.63 4.89 -0.56
C LEU A 519 -21.05 5.44 0.74
N THR A 520 -20.94 4.60 1.77
CA THR A 520 -20.40 5.07 3.04
C THR A 520 -18.93 5.47 2.85
N VAL A 521 -18.19 4.66 2.11
CA VAL A 521 -16.76 4.99 1.86
C VAL A 521 -16.65 6.25 1.04
N ALA A 522 -17.53 6.45 0.07
CA ALA A 522 -17.55 7.71 -0.65
C ALA A 522 -17.81 8.92 0.27
N GLN A 523 -18.74 8.78 1.23
CA GLN A 523 -19.00 9.85 2.21
C GLN A 523 -17.79 10.11 3.10
N VAL A 524 -17.07 9.06 3.49
CA VAL A 524 -15.86 9.26 4.32
C VAL A 524 -14.79 9.95 3.51
N ARG A 525 -14.41 9.40 2.35
CA ARG A 525 -13.31 9.98 1.57
C ARG A 525 -13.70 11.38 1.09
N GLY A 526 -14.89 11.46 0.50
CA GLY A 526 -15.41 12.74 0.07
C GLY A 526 -15.54 13.79 1.18
N GLY A 527 -16.11 13.41 2.31
CA GLY A 527 -16.26 14.32 3.43
C GLY A 527 -14.91 14.78 3.99
N MET A 528 -13.93 13.87 4.01
CA MET A 528 -12.58 14.31 4.43
C MET A 528 -12.02 15.34 3.47
N VAL A 529 -12.08 15.09 2.15
CA VAL A 529 -11.58 16.04 1.18
C VAL A 529 -12.37 17.38 1.29
N PHE A 530 -13.69 17.28 1.50
CA PHE A 530 -14.50 18.51 1.65
C PHE A 530 -14.00 19.37 2.82
N GLU A 531 -13.82 18.77 4.00
CA GLU A 531 -13.35 19.50 5.16
C GLU A 531 -11.97 20.07 4.95
N LEU A 532 -11.06 19.25 4.37
CA LEU A 532 -9.69 19.70 4.18
C LEU A 532 -9.68 20.86 3.21
N ALA A 533 -10.57 20.81 2.21
CA ALA A 533 -10.53 21.84 1.20
C ALA A 533 -11.35 23.08 1.60
N ASN A 534 -12.23 22.95 2.59
CA ASN A 534 -13.15 24.07 2.90
C ASN A 534 -13.12 24.66 4.27
N SER A 535 -12.68 23.87 5.25
CA SER A 535 -12.59 24.41 6.61
C SER A 535 -11.69 25.61 6.67
N ILE A 536 -12.13 26.66 7.37
CA ILE A 536 -11.31 27.82 7.49
C ILE A 536 -9.94 27.58 8.10
N VAL A 537 -9.94 27.00 9.29
CA VAL A 537 -8.69 26.51 9.90
C VAL A 537 -8.53 25.04 9.40
N LEU A 538 -7.34 24.65 8.95
CA LEU A 538 -7.16 23.24 8.50
C LEU A 538 -7.55 22.32 9.65
N PRO A 539 -8.22 21.19 9.32
CA PRO A 539 -8.77 20.32 10.35
C PRO A 539 -7.74 19.29 10.84
N PHE A 540 -6.61 19.81 11.30
CA PHE A 540 -5.50 18.98 11.82
C PHE A 540 -5.34 19.32 13.31
N ASP A 541 -5.21 18.29 14.14
CA ASP A 541 -4.91 18.54 15.56
C ASP A 541 -3.49 18.09 15.91
N CYS A 542 -2.58 19.03 16.07
CA CYS A 542 -1.16 18.68 16.38
C CYS A 542 -1.01 17.95 17.71
N ARG A 543 -1.95 18.15 18.65
CA ARG A 543 -1.91 17.41 19.93
C ARG A 543 -2.00 15.88 19.75
N ASP A 544 -2.68 15.44 18.70
CA ASP A 544 -2.75 14.02 18.39
C ASP A 544 -1.38 13.42 18.01
N TYR A 545 -0.56 14.21 17.34
CA TYR A 545 0.76 13.76 17.01
C TYR A 545 1.57 13.60 18.31
N ALA A 546 1.39 14.53 19.26
CA ALA A 546 2.19 14.50 20.49
C ALA A 546 1.87 13.20 21.27
N VAL A 547 0.59 12.84 21.31
CA VAL A 547 0.20 11.56 21.92
C VAL A 547 0.91 10.33 21.30
N VAL A 548 0.86 10.21 19.97
CA VAL A 548 1.47 9.01 19.36
C VAL A 548 2.99 9.01 19.46
N LEU A 549 3.64 10.20 19.42
CA LEU A 549 5.09 10.27 19.47
C LEU A 549 5.56 9.69 20.81
N ARG A 550 4.79 9.95 21.86
CA ARG A 550 5.14 9.37 23.19
C ARG A 550 5.01 7.88 23.18
N LYS A 551 3.91 7.39 22.61
CA LYS A 551 3.67 5.97 22.43
C LYS A 551 4.83 5.35 21.66
N TYR A 552 5.25 5.98 20.55
CA TYR A 552 6.32 5.37 19.77
C TYR A 552 7.69 5.45 20.46
N ALA A 553 7.92 6.52 21.21
CA ALA A 553 9.16 6.63 21.94
C ALA A 553 9.24 5.55 23.05
N ASP A 554 8.15 5.36 23.80
CA ASP A 554 8.05 4.24 24.77
C ASP A 554 8.37 2.88 24.07
N LYS A 555 7.78 2.65 22.91
CA LYS A 555 7.94 1.37 22.23
C LYS A 555 9.39 1.14 21.81
N ILE A 556 9.99 2.13 21.15
CA ILE A 556 11.36 1.96 20.71
C ILE A 556 12.36 1.82 21.90
N TYR A 557 12.13 2.61 22.95
CA TYR A 557 12.93 2.43 24.18
C TYR A 557 12.80 0.96 24.73
N SER A 558 11.57 0.43 24.74
N SER A 558 11.59 0.42 24.79
CA SER A 558 11.32 -0.95 25.22
CA SER A 558 11.44 -0.95 25.29
C SER A 558 11.97 -2.04 24.38
C SER A 558 12.22 -1.96 24.42
N ILE A 559 12.24 -1.75 23.09
CA ILE A 559 12.95 -2.66 22.23
C ILE A 559 14.42 -2.59 22.56
N SER A 560 14.94 -1.39 22.73
CA SER A 560 16.33 -1.22 23.07
C SER A 560 16.63 -1.87 24.43
N MET A 561 15.70 -1.75 25.36
CA MET A 561 15.92 -2.23 26.74
C MET A 561 15.92 -3.76 26.86
N LYS A 562 15.75 -4.46 25.74
CA LYS A 562 16.09 -5.89 25.69
C LYS A 562 17.61 -6.16 25.80
N HIS A 563 18.42 -5.09 25.73
CA HIS A 563 19.88 -5.18 25.73
C HIS A 563 20.42 -4.21 26.80
N PRO A 564 20.02 -4.42 28.07
CA PRO A 564 20.38 -3.43 29.11
C PRO A 564 21.88 -3.32 29.30
N GLN A 565 22.60 -4.45 29.19
CA GLN A 565 24.05 -4.41 29.42
C GLN A 565 24.73 -3.60 28.34
N GLU A 566 24.25 -3.75 27.10
CA GLU A 566 24.83 -2.98 26.02
C GLU A 566 24.46 -1.51 26.14
N MET A 567 23.26 -1.20 26.59
CA MET A 567 22.94 0.23 26.75
C MET A 567 23.80 0.87 27.86
N LYS A 568 24.13 0.12 28.93
CA LYS A 568 25.07 0.68 29.93
C LYS A 568 26.46 0.88 29.35
N THR A 569 26.98 -0.17 28.70
CA THR A 569 28.35 -0.13 28.16
C THR A 569 28.57 0.92 27.16
N TYR A 570 27.60 1.09 26.23
CA TYR A 570 27.81 2.07 25.19
C TYR A 570 27.11 3.39 25.46
N SER A 571 26.62 3.58 26.69
CA SER A 571 25.98 4.83 27.11
C SER A 571 24.84 5.24 26.15
N VAL A 572 23.95 4.29 25.90
CA VAL A 572 22.89 4.50 24.93
C VAL A 572 21.74 5.15 25.68
N SER A 573 21.52 6.43 25.45
CA SER A 573 20.45 7.10 26.21
C SER A 573 19.29 7.55 25.29
N PHE A 574 18.05 7.35 25.73
CA PHE A 574 16.85 7.85 25.00
C PHE A 574 16.40 9.23 25.53
N ASP A 575 17.19 9.83 26.45
CA ASP A 575 16.72 11.02 27.15
C ASP A 575 16.43 12.14 26.11
N SER A 576 17.27 12.30 25.09
CA SER A 576 17.06 13.38 24.12
C SER A 576 15.71 13.20 23.39
N LEU A 577 15.35 11.96 23.12
CA LEU A 577 14.17 11.70 22.34
C LEU A 577 12.96 11.98 23.22
N PHE A 578 13.01 11.51 24.48
CA PHE A 578 11.95 11.82 25.40
C PHE A 578 11.79 13.30 25.66
N SER A 579 12.90 14.02 25.78
CA SER A 579 12.89 15.47 25.98
C SER A 579 12.21 16.16 24.78
N ALA A 580 12.61 15.76 23.57
CA ALA A 580 11.98 16.32 22.36
C ALA A 580 10.46 16.08 22.34
N VAL A 581 10.02 14.89 22.68
CA VAL A 581 8.61 14.53 22.64
C VAL A 581 7.85 15.36 23.69
N LYS A 582 8.48 15.56 24.84
CA LYS A 582 7.86 16.37 25.92
C LYS A 582 7.73 17.80 25.46
N ASN A 583 8.79 18.30 24.82
CA ASN A 583 8.74 19.63 24.25
C ASN A 583 7.66 19.74 23.19
N PHE A 584 7.57 18.74 22.28
CA PHE A 584 6.56 18.77 21.24
C PHE A 584 5.16 18.84 21.90
N THR A 585 4.96 18.04 22.94
CA THR A 585 3.68 18.03 23.68
C THR A 585 3.34 19.43 24.23
N GLU A 586 4.33 20.06 24.86
CA GLU A 586 4.08 21.37 25.51
C GLU A 586 3.82 22.45 24.43
N ILE A 587 4.64 22.44 23.37
CA ILE A 587 4.53 23.48 22.35
C ILE A 587 3.22 23.33 21.56
N ALA A 588 2.86 22.09 21.26
CA ALA A 588 1.62 21.76 20.55
C ALA A 588 0.43 22.26 21.37
N SER A 589 0.53 22.04 22.67
CA SER A 589 -0.56 22.51 23.58
C SER A 589 -0.75 24.03 23.50
N LYS A 590 0.35 24.79 23.58
N LYS A 590 0.35 24.77 23.53
CA LYS A 590 0.30 26.26 23.43
CA LYS A 590 0.33 26.23 23.45
C LYS A 590 -0.24 26.63 22.06
C LYS A 590 -0.06 26.75 22.07
N PHE A 591 0.32 26.00 21.01
CA PHE A 591 -0.15 26.27 19.67
C PHE A 591 -1.66 26.10 19.53
N SER A 592 -2.21 25.02 20.08
N SER A 592 -2.22 25.02 20.08
CA SER A 592 -3.64 24.76 20.03
CA SER A 592 -3.64 24.77 20.04
C SER A 592 -4.46 25.88 20.71
C SER A 592 -4.45 25.90 20.71
N GLU A 593 -3.93 26.41 21.82
CA GLU A 593 -4.56 27.55 22.54
C GLU A 593 -4.58 28.79 21.63
N ARG A 594 -3.45 29.09 20.98
CA ARG A 594 -3.43 30.24 20.09
C ARG A 594 -4.37 30.05 18.92
N LEU A 595 -4.50 28.83 18.44
CA LEU A 595 -5.31 28.55 17.28
C LEU A 595 -6.78 28.79 17.61
N GLN A 596 -7.14 28.56 18.84
CA GLN A 596 -8.51 28.76 19.09
C GLN A 596 -8.77 30.22 19.47
N ASP A 597 -7.73 30.92 19.90
CA ASP A 597 -7.78 32.30 20.46
C ASP A 597 -7.45 33.51 19.55
N PHE A 598 -7.21 33.34 18.23
CA PHE A 598 -7.05 34.47 17.26
C PHE A 598 -8.37 34.67 16.43
N ASN A 602 -8.69 38.32 10.48
CA ASN A 602 -7.23 38.58 10.10
C ASN A 602 -6.63 37.46 9.22
N PRO A 603 -6.64 37.66 7.89
CA PRO A 603 -6.35 36.51 7.05
C PRO A 603 -4.84 36.14 7.05
N ILE A 604 -3.94 37.05 7.43
CA ILE A 604 -2.53 36.71 7.36
C ILE A 604 -2.21 35.88 8.57
N VAL A 605 -2.77 36.27 9.71
CA VAL A 605 -2.60 35.42 10.88
C VAL A 605 -3.18 34.04 10.57
N LEU A 606 -4.35 34.01 9.92
CA LEU A 606 -4.99 32.75 9.59
C LEU A 606 -4.06 31.92 8.67
N ARG A 607 -3.54 32.56 7.63
N ARG A 607 -3.54 32.53 7.62
CA ARG A 607 -2.72 31.94 6.60
CA ARG A 607 -2.66 31.85 6.71
C ARG A 607 -1.34 31.60 7.16
C ARG A 607 -1.48 31.27 7.52
N MET A 608 -0.79 32.50 7.98
N MET A 608 -0.97 32.04 8.50
CA MET A 608 0.39 32.13 8.72
CA MET A 608 0.21 31.64 9.30
C MET A 608 0.10 30.91 9.60
C MET A 608 -0.02 30.35 10.05
N MET A 609 -1.12 30.80 10.12
N MET A 609 -1.02 30.31 10.91
CA MET A 609 -1.42 29.72 11.06
CA MET A 609 -1.28 29.08 11.55
C MET A 609 -1.58 28.33 10.42
C MET A 609 -1.75 27.99 10.54
N ASN A 610 -2.39 28.33 9.40
CA ASN A 610 -2.67 27.21 8.47
C ASN A 610 -1.37 26.68 7.87
N ASP A 611 -0.45 27.58 7.56
CA ASP A 611 0.88 27.18 7.03
C ASP A 611 1.60 26.38 8.11
N GLN A 612 1.54 26.83 9.38
CA GLN A 612 2.10 25.99 10.48
C GLN A 612 1.46 24.61 10.56
N LEU A 613 0.15 24.53 10.39
CA LEU A 613 -0.50 23.24 10.37
C LEU A 613 -0.12 22.41 9.12
N MET A 614 -0.05 23.07 7.96
CA MET A 614 0.26 22.32 6.72
C MET A 614 1.73 21.81 6.74
N PHE A 615 2.66 22.64 7.22
CA PHE A 615 4.11 22.28 7.23
C PHE A 615 4.51 21.43 8.39
N LEU A 616 3.55 21.07 9.26
CA LEU A 616 3.91 20.24 10.44
C LEU A 616 4.27 18.77 10.02
N GLU A 617 3.45 18.16 9.16
CA GLU A 617 3.85 16.86 8.60
C GLU A 617 5.17 17.01 7.84
N ARG A 618 5.29 18.12 7.15
CA ARG A 618 6.50 18.36 6.32
C ARG A 618 7.78 18.39 7.18
N ALA A 619 7.64 18.83 8.42
CA ALA A 619 8.82 18.94 9.32
C ALA A 619 9.42 17.61 9.71
N PHE A 620 8.66 16.50 9.59
CA PHE A 620 9.21 15.18 9.89
C PHE A 620 10.08 14.56 8.79
N ILE A 621 10.21 15.28 7.67
CA ILE A 621 11.06 14.84 6.55
C ILE A 621 12.54 15.22 6.82
N ASP A 622 13.43 14.24 6.69
CA ASP A 622 14.87 14.47 6.71
C ASP A 622 15.34 14.44 5.25
N PRO A 623 15.90 15.56 4.79
CA PRO A 623 16.29 15.60 3.42
C PRO A 623 17.39 14.61 3.11
N LEU A 624 18.04 14.03 4.12
CA LEU A 624 19.07 13.04 3.84
C LEU A 624 18.49 11.64 3.73
N GLY A 625 17.18 11.47 3.97
CA GLY A 625 16.59 10.14 3.78
C GLY A 625 16.96 9.21 4.95
N LEU A 626 16.45 7.97 4.92
CA LEU A 626 16.89 6.93 5.85
C LEU A 626 18.10 6.18 5.26
N PRO A 627 18.90 5.50 6.10
CA PRO A 627 20.09 4.85 5.56
C PRO A 627 19.81 3.93 4.35
N ASP A 628 20.55 4.18 3.27
CA ASP A 628 20.41 3.48 1.97
C ASP A 628 19.03 3.50 1.39
N ARG A 629 18.15 4.40 1.89
CA ARG A 629 16.75 4.50 1.36
C ARG A 629 16.45 5.98 1.20
N PRO A 630 17.06 6.63 0.19
CA PRO A 630 16.96 8.07 0.12
C PRO A 630 15.56 8.58 -0.14
N PHE A 631 14.68 7.76 -0.69
CA PHE A 631 13.29 8.24 -0.96
C PHE A 631 12.33 7.98 0.14
N TYR A 632 12.80 7.35 1.23
CA TYR A 632 11.99 7.30 2.43
C TYR A 632 12.56 8.31 3.40
N ARG A 633 11.88 9.43 3.59
CA ARG A 633 12.48 10.59 4.27
C ARG A 633 11.70 10.95 5.57
N HIS A 634 10.58 10.28 5.81
CA HIS A 634 9.73 10.64 6.98
C HIS A 634 10.40 9.93 8.19
N VAL A 635 10.81 10.69 9.20
CA VAL A 635 11.62 10.09 10.31
C VAL A 635 10.72 9.32 11.27
N ILE A 636 9.45 9.66 11.27
CA ILE A 636 8.53 8.92 12.17
C ILE A 636 8.01 7.64 11.58
N TYR A 637 7.63 7.70 10.30
N TYR A 637 7.67 7.66 10.28
CA TYR A 637 7.00 6.59 9.66
CA TYR A 637 6.83 6.61 9.69
C TYR A 637 7.78 6.17 8.43
C TYR A 637 7.34 5.80 8.49
N ALA A 638 8.09 4.88 8.30
N ALA A 638 8.55 6.06 8.05
CA ALA A 638 8.52 4.39 7.00
CA ALA A 638 9.07 5.29 6.91
C ALA A 638 7.91 3.01 6.84
C ALA A 638 9.04 3.81 7.21
N PRO A 639 7.85 2.51 5.61
N PRO A 639 9.01 3.00 6.16
CA PRO A 639 7.43 1.15 5.38
CA PRO A 639 9.15 1.57 6.37
C PRO A 639 8.41 0.22 6.09
C PRO A 639 10.56 1.20 6.85
N SER A 640 7.89 -0.86 6.65
N SER A 640 10.66 0.56 8.01
CA SER A 640 8.77 -1.78 7.32
CA SER A 640 11.77 -0.23 8.36
C SER A 640 9.73 -2.44 6.31
C SER A 640 12.30 -1.07 7.16
N SER A 641 11.00 -2.50 6.71
N SER A 641 13.61 -1.07 6.99
CA SER A 641 12.04 -3.14 5.89
CA SER A 641 14.27 -1.76 5.88
C SER A 641 11.81 -4.65 5.70
C SER A 641 13.92 -3.25 5.90
N HIS A 642 10.89 -5.24 6.46
N HIS A 642 13.01 -3.65 6.77
CA HIS A 642 10.52 -6.66 6.38
CA HIS A 642 12.53 -5.03 6.77
C HIS A 642 9.20 -6.86 5.68
C HIS A 642 10.99 -5.13 6.75
N ASN A 643 8.34 -5.42 5.62
CA ASN A 643 7.06 -5.72 4.98
C ASN A 643 6.59 -4.37 4.57
N LYS A 644 6.77 -4.05 3.27
CA LYS A 644 6.43 -2.77 2.69
C LYS A 644 5.00 -2.33 3.02
N TYR A 645 4.13 -3.30 3.25
CA TYR A 645 2.73 -2.98 3.53
C TYR A 645 2.49 -2.43 4.93
N ALA A 646 3.34 -2.83 5.87
CA ALA A 646 3.18 -2.44 7.26
C ALA A 646 3.95 -1.14 7.53
N GLY A 647 3.40 -0.25 8.36
CA GLY A 647 4.14 0.93 8.79
C GLY A 647 5.09 0.58 9.96
N GLU A 648 6.28 1.20 9.99
CA GLU A 648 7.14 1.16 11.22
C GLU A 648 7.34 2.53 11.83
N SER A 649 7.33 2.65 13.19
CA SER A 649 7.63 3.98 13.75
C SER A 649 9.06 4.11 14.24
N PHE A 650 9.61 5.34 14.19
CA PHE A 650 11.07 5.57 14.33
C PHE A 650 11.86 4.50 13.63
N PRO A 651 11.64 4.37 12.30
CA PRO A 651 12.29 3.27 11.58
C PRO A 651 13.78 3.33 11.57
N GLY A 652 14.42 4.55 11.61
CA GLY A 652 15.86 4.56 11.66
C GLY A 652 16.43 3.87 12.91
N ILE A 653 15.84 4.18 14.05
CA ILE A 653 16.27 3.49 15.31
C ILE A 653 15.86 2.00 15.27
N TYR A 654 14.64 1.72 14.82
CA TYR A 654 14.16 0.32 14.77
C TYR A 654 15.12 -0.57 13.96
N ASP A 655 15.48 -0.14 12.74
CA ASP A 655 16.41 -0.91 11.91
C ASP A 655 17.83 -0.99 12.47
N ALA A 656 18.27 0.04 13.17
CA ALA A 656 19.59 -0.05 13.86
C ALA A 656 19.59 -1.12 14.95
N LEU A 657 18.47 -1.27 15.61
CA LEU A 657 18.36 -2.26 16.68
C LEU A 657 18.02 -3.66 16.19
N PHE A 658 17.51 -3.76 14.98
CA PHE A 658 17.09 -5.07 14.47
C PHE A 658 18.22 -6.10 14.38
N ASP A 659 18.03 -7.20 15.07
CA ASP A 659 18.98 -8.33 15.07
C ASP A 659 20.35 -7.88 15.53
N ILE A 660 20.40 -6.84 16.38
CA ILE A 660 21.68 -6.23 16.73
C ILE A 660 22.62 -7.26 17.43
N GLU A 661 22.06 -8.17 18.22
CA GLU A 661 22.91 -9.13 18.94
C GLU A 661 23.72 -10.03 18.00
N SER A 662 23.38 -10.03 16.71
CA SER A 662 24.12 -10.76 15.68
C SER A 662 25.26 -9.99 15.05
N LYS A 663 25.33 -8.67 15.28
CA LYS A 663 26.36 -7.86 14.62
C LYS A 663 27.73 -8.16 15.19
N VAL A 664 28.74 -8.13 14.33
CA VAL A 664 30.07 -8.62 14.70
C VAL A 664 30.85 -7.57 15.50
N ASP A 665 30.69 -6.29 15.14
CA ASP A 665 31.25 -5.17 15.88
C ASP A 665 30.14 -4.45 16.71
N PRO A 666 29.90 -4.89 17.97
CA PRO A 666 28.81 -4.26 18.74
C PRO A 666 29.00 -2.75 19.00
N SER A 667 30.24 -2.31 19.20
CA SER A 667 30.52 -0.87 19.40
C SER A 667 29.98 -0.03 18.23
N LYS A 668 30.25 -0.51 17.02
CA LYS A 668 29.82 0.18 15.83
C LYS A 668 28.30 0.11 15.69
N ALA A 669 27.71 -1.06 15.96
CA ALA A 669 26.25 -1.22 15.82
C ALA A 669 25.52 -0.29 16.82
N TRP A 670 25.97 -0.32 18.08
CA TRP A 670 25.38 0.54 19.11
C TRP A 670 25.65 2.04 18.84
N GLY A 671 26.80 2.38 18.25
CA GLY A 671 27.06 3.74 17.80
C GLY A 671 25.98 4.23 16.83
N GLU A 672 25.61 3.36 15.92
CA GLU A 672 24.62 3.71 14.88
C GLU A 672 23.24 3.79 15.54
N VAL A 673 22.95 3.00 16.58
CA VAL A 673 21.68 3.21 17.30
C VAL A 673 21.65 4.64 17.90
N LYS A 674 22.72 5.01 18.57
CA LYS A 674 22.84 6.38 19.16
C LYS A 674 22.69 7.46 18.08
N ARG A 675 23.32 7.23 16.90
CA ARG A 675 23.20 8.21 15.84
C ARG A 675 21.73 8.36 15.46
N GLN A 676 20.98 7.24 15.36
CA GLN A 676 19.58 7.33 15.00
C GLN A 676 18.75 7.99 16.08
N ILE A 677 19.09 7.72 17.36
CA ILE A 677 18.35 8.44 18.41
C ILE A 677 18.52 9.93 18.28
N TYR A 678 19.74 10.39 18.07
CA TYR A 678 20.04 11.83 17.88
C TYR A 678 19.26 12.39 16.68
N VAL A 679 19.27 11.68 15.57
CA VAL A 679 18.48 12.15 14.38
C VAL A 679 16.98 12.27 14.66
N ALA A 680 16.43 11.26 15.32
CA ALA A 680 15.03 11.31 15.68
C ALA A 680 14.70 12.43 16.69
N ALA A 681 15.50 12.53 17.75
CA ALA A 681 15.28 13.57 18.76
C ALA A 681 15.34 14.94 18.12
N PHE A 682 16.39 15.15 17.33
CA PHE A 682 16.52 16.44 16.61
C PHE A 682 15.26 16.70 15.74
N THR A 683 14.80 15.68 15.04
CA THR A 683 13.70 15.94 14.06
C THR A 683 12.43 16.22 14.83
N VAL A 684 12.19 15.47 15.91
CA VAL A 684 10.98 15.78 16.74
C VAL A 684 11.03 17.22 17.27
N GLN A 685 12.17 17.61 17.85
CA GLN A 685 12.30 19.00 18.38
C GLN A 685 12.13 20.04 17.25
N ALA A 686 12.79 19.78 16.10
CA ALA A 686 12.65 20.69 14.97
C ALA A 686 11.19 20.84 14.52
N ALA A 687 10.46 19.73 14.42
CA ALA A 687 9.00 19.80 14.11
C ALA A 687 8.24 20.56 15.17
N ALA A 688 8.55 20.30 16.43
CA ALA A 688 7.92 21.06 17.49
C ALA A 688 8.14 22.55 17.31
N GLU A 689 9.37 22.96 16.96
CA GLU A 689 9.66 24.38 16.89
C GLU A 689 8.97 25.11 15.72
N THR A 690 8.49 24.33 14.74
CA THR A 690 7.68 24.93 13.67
C THR A 690 6.33 25.42 14.20
N LEU A 691 5.93 24.93 15.36
CA LEU A 691 4.65 25.32 16.00
C LEU A 691 4.84 26.41 17.03
N SER A 692 6.08 26.67 17.43
CA SER A 692 6.39 27.87 18.29
C SER A 692 5.92 29.18 17.67
N GLU A 693 5.76 30.23 18.50
CA GLU A 693 5.54 31.55 17.89
C GLU A 693 6.64 31.88 16.86
N VAL A 694 6.24 32.49 15.76
CA VAL A 694 7.16 32.49 14.58
C VAL A 694 8.26 33.54 14.71
N ALA A 695 8.07 34.48 15.64
CA ALA A 695 9.09 35.53 15.82
C ALA A 695 8.81 36.16 17.18
C1 NAG B . -18.75 3.45 -20.13
C2 NAG B . -18.95 2.71 -21.44
C3 NAG B . -18.46 3.63 -22.55
C4 NAG B . -19.27 4.91 -22.57
C5 NAG B . -19.10 5.54 -21.21
C6 NAG B . -19.75 6.91 -21.05
C7 NAG B . -18.89 0.28 -21.22
C8 NAG B . -18.05 -0.97 -21.25
N2 NAG B . -18.26 1.44 -21.44
O3 NAG B . -18.60 3.00 -23.80
O4 NAG B . -18.60 5.71 -23.50
O5 NAG B . -19.51 4.64 -20.20
O6 NAG B . -21.13 6.81 -21.35
O7 NAG B . -20.10 0.19 -20.97
C1 NAG B . -19.50 6.28 -24.48
C2 NAG B . -18.78 7.44 -25.16
C3 NAG B . -19.60 8.04 -26.31
C4 NAG B . -20.35 6.98 -27.16
C5 NAG B . -20.96 5.91 -26.24
C6 NAG B . -21.64 4.78 -27.00
C7 NAG B . -17.16 8.71 -23.73
C8 NAG B . -16.02 7.83 -24.16
N2 NAG B . -18.40 8.48 -24.22
O3 NAG B . -18.68 8.72 -27.15
O4 NAG B . -21.33 7.61 -27.97
O5 NAG B . -19.93 5.35 -25.45
O6 NAG B . -20.61 4.11 -27.71
O7 NAG B . -16.95 9.65 -22.94
C1 NAG C . -13.87 17.95 16.34
C2 NAG C . -13.01 19.15 15.95
C3 NAG C . -12.63 19.82 17.25
C4 NAG C . -13.87 20.11 18.11
C5 NAG C . -14.68 18.84 18.43
C6 NAG C . -16.00 19.10 19.23
C7 NAG C . -11.40 19.17 14.07
C8 NAG C . -12.22 20.23 13.44
N2 NAG C . -11.81 18.71 15.25
O3 NAG C . -12.03 21.03 16.94
O4 NAG C . -13.34 20.65 19.29
O5 NAG C . -15.02 18.33 17.14
O6 NAG C . -16.80 19.98 18.42
O7 NAG C . -10.35 18.75 13.50
C1 NAG C . -13.96 21.91 19.56
C2 NAG C . -13.66 22.24 21.01
C3 NAG C . -14.21 23.60 21.44
C4 NAG C . -13.73 24.64 20.43
C5 NAG C . -14.11 24.18 18.99
C6 NAG C . -13.66 25.19 17.94
C7 NAG C . -13.45 20.30 22.45
C8 NAG C . -11.97 20.31 22.34
N2 NAG C . -14.22 21.21 21.83
O3 NAG C . -13.70 23.85 22.73
O4 NAG C . -14.22 25.93 20.75
O5 NAG C . -13.51 22.91 18.69
O6 NAG C . -12.33 25.57 18.23
O7 NAG C . -13.94 19.43 23.15
C1 NAG D . 13.39 20.73 25.21
C2 NAG D . 14.77 20.55 24.55
C3 NAG D . 15.82 21.04 25.55
C4 NAG D . 15.56 22.51 25.96
C5 NAG D . 14.11 22.71 26.45
C6 NAG D . 13.84 24.22 26.46
C7 NAG D . 15.58 18.91 22.94
C8 NAG D . 15.75 17.48 22.55
N2 NAG D . 14.99 19.15 24.14
O3 NAG D . 17.11 20.89 25.04
O4 NAG D . 16.40 22.88 27.03
O5 NAG D . 13.20 22.12 25.53
O6 NAG D . 13.07 24.53 27.59
O7 NAG D . 15.94 19.83 22.17
C1 NAG D . 17.69 23.29 26.57
C2 NAG D . 18.18 24.48 27.37
C3 NAG D . 19.64 24.83 27.06
C4 NAG D . 20.49 23.57 27.41
C5 NAG D . 19.93 22.37 26.63
C6 NAG D . 20.58 21.05 27.00
C7 NAG D . 16.55 25.76 28.48
C8 NAG D . 16.84 24.87 29.67
N2 NAG D . 17.25 25.58 27.33
O3 NAG D . 19.97 25.94 27.87
O4 NAG D . 21.89 23.65 27.09
O5 NAG D . 18.55 22.22 26.91
O6 NAG D . 20.42 20.16 25.91
O7 NAG D . 15.72 26.63 28.60
C1 BMA D . 22.65 24.30 28.11
C2 BMA D . 24.06 23.71 28.18
C3 BMA D . 24.93 24.51 29.16
C4 BMA D . 24.82 26.01 28.89
C5 BMA D . 23.37 26.49 28.82
C6 BMA D . 23.29 27.94 28.42
O2 BMA D . 24.58 23.64 26.83
O3 BMA D . 26.36 24.30 29.19
O4 BMA D . 25.50 26.70 29.92
O5 BMA D . 22.70 25.69 27.82
O6 BMA D . 21.91 28.30 28.21
C1 BMA D . 26.85 22.98 29.41
C2 BMA D . 28.37 22.86 29.19
C3 BMA D . 28.60 21.39 28.80
C4 BMA D . 27.91 20.44 29.80
C5 BMA D . 26.46 20.94 30.00
C6 BMA D . 25.47 19.96 30.66
O2 BMA D . 29.07 23.22 30.36
O3 BMA D . 29.95 21.07 28.59
O4 BMA D . 27.95 19.10 29.32
O5 BMA D . 26.48 22.25 30.55
O6 BMA D . 25.84 19.71 31.99
C1 NAG E . 8.96 -14.00 -27.21
C2 NAG E . 9.98 -12.99 -27.68
C3 NAG E . 10.46 -13.25 -29.11
C4 NAG E . 10.96 -14.68 -29.30
C5 NAG E . 10.45 -15.68 -28.23
C6 NAG E . 11.46 -15.97 -27.09
C7 NAG E . 9.91 -10.70 -26.74
C8 NAG E . 11.28 -10.91 -26.15
N2 NAG E . 9.36 -11.69 -27.47
O3 NAG E . 11.59 -12.45 -29.37
O4 NAG E . 10.64 -15.11 -30.62
O5 NAG E . 9.15 -15.33 -27.70
O6 NAG E . 12.78 -16.19 -27.55
O7 NAG E . 9.32 -9.62 -26.58
C1 NAG F . 5.17 -29.97 -20.21
C2 NAG F . 4.72 -31.34 -20.75
C3 NAG F . 5.75 -31.89 -21.75
C4 NAG F . 6.15 -30.85 -22.81
C5 NAG F . 6.39 -29.45 -22.18
C6 NAG F . 6.62 -28.32 -23.20
C7 NAG F . 3.21 -32.69 -19.38
C8 NAG F . 3.04 -33.63 -18.21
N2 NAG F . 4.42 -32.26 -19.66
O3 NAG F . 5.12 -33.00 -22.38
O4 NAG F . 7.30 -31.27 -23.54
O5 NAG F . 5.32 -29.09 -21.33
O6 NAG F . 5.44 -27.93 -23.88
O7 NAG F . 2.21 -32.37 -20.02
C1 NAG G . 25.43 -23.26 1.45
C2 NAG G . 26.89 -22.81 1.70
C3 NAG G . 27.65 -22.65 0.37
C4 NAG G . 27.57 -23.98 -0.40
C5 NAG G . 26.12 -24.22 -0.81
C6 NAG G . 25.78 -25.70 -0.94
C7 NAG G . 26.62 -21.43 3.79
C8 NAG G . 26.85 -20.06 4.36
N2 NAG G . 27.00 -21.58 2.50
O3 NAG G . 28.98 -22.19 0.51
O4 NAG G . 28.39 -24.01 -1.57
O5 NAG G . 25.19 -23.52 0.04
O6 NAG G . 26.06 -26.14 -2.25
O7 NAG G . 26.11 -22.30 4.50
C1 NAG H . -21.24 -9.81 3.84
C2 NAG H . -20.11 -10.86 3.91
C3 NAG H . -20.54 -12.22 4.53
C4 NAG H . -21.20 -12.00 5.89
C5 NAG H . -22.30 -10.93 5.73
C6 NAG H . -23.08 -10.64 7.03
C7 NAG H . -18.22 -10.79 2.43
C8 NAG H . -17.60 -10.93 1.07
N2 NAG H . -19.54 -10.99 2.58
O3 NAG H . -19.45 -13.07 4.81
O4 NAG H . -21.67 -13.23 6.49
O5 NAG H . -21.74 -9.73 5.18
O6 NAG H . -22.31 -10.86 8.20
O7 NAG H . -17.53 -10.52 3.38
ZN ZN I . -3.46 -4.27 -6.49
ZN ZN J . -5.05 -1.31 -5.90
CA CA K . 11.31 8.77 -12.00
CL CL L . -7.03 3.25 -0.23
C ACT M . 1.02 -4.50 -5.07
O ACT M . 0.90 -5.58 -5.64
OXT ACT M . 1.40 -4.55 -3.89
CH3 ACT M . 0.71 -3.24 -5.82
CAG 5Q1 N . -2.40 -6.38 0.50
CAI 5Q1 N . -2.31 -7.78 0.47
CAS 5Q1 N . -3.45 -8.50 0.11
CAO 5Q1 N . -3.44 -10.06 0.06
OAE 5Q1 N . -2.38 -10.64 0.35
OAA 5Q1 N . -4.54 -10.61 -0.24
CAJ 5Q1 N . -4.63 -7.88 -0.26
CAH 5Q1 N . -4.72 -6.46 -0.27
CAR 5Q1 N . -3.59 -5.76 0.13
CAM 5Q1 N . -3.70 -4.23 0.17
CAT 5Q1 N . -3.42 -3.57 -1.22
CAP 5Q1 N . -3.78 -2.07 -1.04
OAF 5Q1 N . -4.89 -1.69 -1.53
OAB 5Q1 N . -2.92 -1.39 -0.39
CAL 5Q1 N . -1.94 -3.76 -1.54
CAK 5Q1 N . -1.43 -3.04 -2.82
CAQ 5Q1 N . -2.28 -3.27 -4.10
OAC 5Q1 N . -2.61 -4.39 -4.61
NAN 5Q1 N . -2.57 -2.12 -4.71
OAD 5Q1 N . -3.37 -2.16 -5.85
#